data_4KQW
#
_entry.id   4KQW
#
_cell.length_a   52.205
_cell.length_b   118.934
_cell.length_c   62.158
_cell.angle_alpha   90.00
_cell.angle_beta   101.17
_cell.angle_gamma   90.00
#
_symmetry.space_group_name_H-M   'P 1 21 1'
#
loop_
_entity.id
_entity.type
_entity.pdbx_description
1 polymer 'Ketol-acid reductoisomerase'
2 non-polymer 'NADP NICOTINAMIDE-ADENINE-DINUCLEOTIDE PHOSPHATE'
3 non-polymer 'L(+)-TARTARIC ACID'
4 non-polymer 'MAGNESIUM ION'
5 water water
#
_entity_poly.entity_id   1
_entity_poly.type   'polypeptide(L)'
_entity_poly.pdbx_seq_one_letter_code
;MSVKTKEKEMAVTILYEQDVDPKVIQGLKVGIIGYGSQGHAHALNLMDSGVDVRVGLREGSSSWKTAEEAGLKVTDMDTA
AEEADVIMVLVPDEIQPKVYQEHIAAHLKAGNTLAFAHGFNIHYGYIVPPEDVNVIMCAPKGPGHIVRRQFTEGSGVPDL
ACVQQDATGNAWDIVLSYCWGVGGARSGIIKATFAEETEEDLFGEQAVLCGGLVELVKAGFETLTEAGYPPELAYFECYH
EMKMIVDLMYESGIHFMNYSISNTAEYGEYYAGPKVINEQSREAMKEILKRIQDGSFAQEFVDDCNNGHKRLLEQREAIN
THPIETTGAQIRSMFSWIKKEDLEHHHHHH
;
_entity_poly.pdbx_strand_id   A,B
#
# COMPACT_ATOMS: atom_id res chain seq x y z
N THR A 13 -20.86 13.96 -9.87
CA THR A 13 -19.62 14.32 -9.30
C THR A 13 -18.63 13.43 -10.18
N ILE A 14 -18.79 12.10 -10.24
CA ILE A 14 -17.73 11.34 -10.91
C ILE A 14 -18.29 10.91 -12.23
N LEU A 15 -17.42 11.04 -13.25
CA LEU A 15 -17.77 10.61 -14.65
C LEU A 15 -17.13 9.38 -15.09
N TYR A 16 -17.78 8.58 -15.91
CA TYR A 16 -17.35 7.27 -16.34
C TYR A 16 -17.44 7.15 -17.88
N GLU A 17 -17.32 5.96 -18.43
CA GLU A 17 -17.20 5.79 -19.86
C GLU A 17 -18.42 6.34 -20.61
N GLN A 18 -19.63 6.15 -20.03
CA GLN A 18 -20.83 6.72 -20.68
C GLN A 18 -20.89 8.24 -20.73
N ASP A 19 -20.07 8.99 -20.00
CA ASP A 19 -20.05 10.38 -19.95
C ASP A 19 -18.98 11.08 -20.88
N VAL A 20 -18.19 10.24 -21.52
CA VAL A 20 -17.11 10.78 -22.34
C VAL A 20 -17.27 10.31 -23.79
N ASP A 21 -16.60 10.98 -24.70
CA ASP A 21 -16.72 10.49 -26.17
C ASP A 21 -15.27 10.15 -26.60
N PRO A 22 -14.91 8.89 -26.80
CA PRO A 22 -13.56 8.48 -27.22
C PRO A 22 -13.22 9.06 -28.56
N LYS A 23 -14.25 9.27 -29.44
CA LYS A 23 -13.94 9.75 -30.80
C LYS A 23 -13.30 11.10 -30.84
N VAL A 24 -13.47 11.94 -29.78
CA VAL A 24 -12.96 13.29 -29.85
C VAL A 24 -11.43 13.21 -29.83
N ILE A 25 -10.81 12.48 -28.88
CA ILE A 25 -9.36 12.41 -28.88
C ILE A 25 -8.80 11.51 -29.99
N GLN A 26 -9.58 10.56 -30.41
CA GLN A 26 -9.20 9.72 -31.56
C GLN A 26 -9.13 10.59 -32.83
N GLY A 27 -9.77 11.71 -32.89
CA GLY A 27 -9.69 12.51 -34.12
C GLY A 27 -8.64 13.60 -34.03
N LEU A 28 -7.80 13.62 -33.01
CA LEU A 28 -6.80 14.71 -32.84
C LEU A 28 -5.41 14.14 -32.77
N LYS A 29 -4.40 14.79 -33.30
CA LYS A 29 -3.03 14.38 -33.13
C LYS A 29 -2.44 14.89 -31.85
N VAL A 30 -1.90 13.98 -31.09
CA VAL A 30 -1.34 14.32 -29.76
C VAL A 30 0.17 14.30 -29.80
N GLY A 31 0.78 15.32 -29.25
CA GLY A 31 2.21 15.39 -29.06
C GLY A 31 2.51 15.32 -27.57
N ILE A 32 3.25 14.31 -27.14
CA ILE A 32 3.65 14.24 -25.72
C ILE A 32 5.06 14.71 -25.64
N ILE A 33 5.33 15.80 -24.90
CA ILE A 33 6.67 16.35 -24.78
C ILE A 33 7.27 15.72 -23.48
N GLY A 34 8.33 14.96 -23.70
CA GLY A 34 8.91 14.19 -22.62
C GLY A 34 8.52 12.78 -22.64
N TYR A 35 9.31 11.91 -21.97
CA TYR A 35 9.04 10.49 -21.88
C TYR A 35 9.48 9.99 -20.55
N GLY A 36 9.12 10.70 -19.53
CA GLY A 36 9.46 10.21 -18.12
C GLY A 36 8.28 9.44 -17.58
N SER A 37 8.10 9.54 -16.29
CA SER A 37 7.12 8.72 -15.62
C SER A 37 5.74 8.87 -16.20
N GLN A 38 5.20 10.11 -16.23
CA GLN A 38 3.87 10.28 -16.88
C GLN A 38 3.97 10.14 -18.42
N GLY A 39 5.04 10.75 -19.02
CA GLY A 39 5.14 10.73 -20.49
C GLY A 39 5.01 9.39 -21.08
N HIS A 40 5.71 8.36 -20.55
CA HIS A 40 5.56 7.07 -21.19
C HIS A 40 4.19 6.53 -20.98
N ALA A 41 3.58 6.73 -19.81
CA ALA A 41 2.26 6.22 -19.59
C ALA A 41 1.19 6.81 -20.45
N HIS A 42 1.24 8.15 -20.59
CA HIS A 42 0.23 8.82 -21.46
C HIS A 42 0.44 8.36 -22.93
N ALA A 43 1.71 8.40 -23.37
CA ALA A 43 1.95 8.08 -24.80
C ALA A 43 1.50 6.69 -25.12
N LEU A 44 1.86 5.72 -24.27
CA LEU A 44 1.50 4.31 -24.62
C LEU A 44 0.03 4.00 -24.41
N ASN A 45 -0.62 4.59 -23.39
CA ASN A 45 -2.05 4.34 -23.21
C ASN A 45 -2.81 4.99 -24.32
N LEU A 46 -2.44 6.20 -24.75
CA LEU A 46 -3.17 6.83 -25.89
C LEU A 46 -2.93 6.03 -27.21
N MET A 47 -1.72 5.58 -27.44
CA MET A 47 -1.44 4.73 -28.64
CA MET A 47 -1.59 4.82 -28.67
C MET A 47 -2.34 3.50 -28.61
N ASP A 48 -2.41 2.83 -27.44
CA ASP A 48 -3.25 1.62 -27.36
C ASP A 48 -4.72 1.95 -27.48
N SER A 49 -5.17 3.20 -27.23
CA SER A 49 -6.56 3.65 -27.32
C SER A 49 -6.90 4.17 -28.74
N GLY A 50 -5.99 4.00 -29.70
CA GLY A 50 -6.24 4.33 -31.10
C GLY A 50 -5.95 5.78 -31.43
N VAL A 51 -5.19 6.48 -30.58
CA VAL A 51 -4.87 7.88 -30.89
C VAL A 51 -3.57 7.97 -31.71
N ASP A 52 -3.53 8.99 -32.55
CA ASP A 52 -2.28 9.30 -33.31
C ASP A 52 -1.38 10.13 -32.40
N VAL A 53 -0.40 9.49 -31.84
CA VAL A 53 0.56 10.08 -30.83
CA VAL A 53 0.49 10.16 -30.90
C VAL A 53 1.93 10.21 -31.40
N ARG A 54 2.66 11.22 -31.00
CA ARG A 54 4.08 11.21 -31.20
C ARG A 54 4.69 11.76 -29.99
N VAL A 55 5.93 11.34 -29.68
CA VAL A 55 6.68 11.80 -28.48
C VAL A 55 7.77 12.74 -28.94
N GLY A 56 7.86 13.86 -28.31
CA GLY A 56 8.93 14.80 -28.61
C GLY A 56 10.05 14.82 -27.54
N LEU A 57 11.31 14.61 -28.00
CA LEU A 57 12.52 14.42 -27.14
C LEU A 57 13.66 15.22 -27.70
N ARG A 58 14.61 15.54 -26.84
CA ARG A 58 15.91 16.04 -27.39
C ARG A 58 16.57 14.95 -28.25
N GLU A 59 17.13 15.42 -29.43
CA GLU A 59 18.01 14.54 -30.17
C GLU A 59 19.11 13.91 -29.36
N GLY A 60 19.27 12.63 -29.55
CA GLY A 60 20.25 11.79 -28.85
C GLY A 60 19.84 11.42 -27.43
N SER A 61 18.61 11.75 -27.00
CA SER A 61 18.16 11.26 -25.68
C SER A 61 18.18 9.77 -25.56
N SER A 62 18.56 9.23 -24.40
CA SER A 62 18.49 7.78 -24.18
C SER A 62 17.09 7.27 -24.17
N SER A 63 16.10 8.18 -23.99
CA SER A 63 14.74 7.68 -23.99
C SER A 63 14.18 7.50 -25.43
N TRP A 64 14.91 8.01 -26.42
CA TRP A 64 14.47 7.88 -27.84
C TRP A 64 14.29 6.47 -28.25
N LYS A 65 15.34 5.69 -28.02
CA LYS A 65 15.27 4.37 -28.47
C LYS A 65 14.23 3.56 -27.66
N THR A 66 14.07 3.89 -26.35
CA THR A 66 13.11 3.17 -25.52
C THR A 66 11.65 3.35 -26.06
N ALA A 67 11.36 4.61 -26.36
CA ALA A 67 10.03 4.93 -26.94
C ALA A 67 9.80 4.32 -28.29
N GLU A 68 10.86 4.39 -29.11
CA GLU A 68 10.76 3.71 -30.41
C GLU A 68 10.58 2.26 -30.30
N GLU A 69 11.32 1.68 -29.34
CA GLU A 69 11.13 0.20 -29.21
C GLU A 69 9.82 -0.26 -28.68
N ALA A 70 9.11 0.72 -28.04
CA ALA A 70 7.77 0.45 -27.53
C ALA A 70 6.69 0.71 -28.63
N GLY A 71 7.13 1.07 -29.87
CA GLY A 71 6.19 1.25 -30.96
C GLY A 71 5.71 2.64 -31.23
N LEU A 72 6.28 3.60 -30.51
CA LEU A 72 5.83 4.96 -30.70
C LEU A 72 6.60 5.73 -31.78
N LYS A 73 5.95 6.70 -32.40
CA LYS A 73 6.63 7.66 -33.27
C LYS A 73 7.37 8.69 -32.39
N VAL A 74 8.64 8.95 -32.57
CA VAL A 74 9.45 9.83 -31.76
C VAL A 74 10.04 10.88 -32.71
N THR A 75 10.03 12.09 -32.30
CA THR A 75 10.65 13.19 -33.06
C THR A 75 11.21 14.22 -32.14
N ASP A 76 11.82 15.26 -32.67
CA ASP A 76 12.31 16.33 -31.79
C ASP A 76 11.14 17.12 -31.22
N MET A 77 11.38 17.89 -30.15
CA MET A 77 10.22 18.51 -29.48
C MET A 77 9.56 19.50 -30.36
N ASP A 78 10.31 20.32 -31.13
CA ASP A 78 9.69 21.32 -32.02
C ASP A 78 8.84 20.63 -33.02
N THR A 79 9.27 19.54 -33.64
CA THR A 79 8.47 18.83 -34.65
C THR A 79 7.19 18.26 -34.00
N ALA A 80 7.26 17.70 -32.78
CA ALA A 80 6.09 17.16 -32.14
C ALA A 80 5.13 18.26 -31.88
N ALA A 81 5.58 19.43 -31.39
CA ALA A 81 4.68 20.56 -31.14
C ALA A 81 4.07 21.12 -32.42
N GLU A 82 4.83 21.15 -33.53
CA GLU A 82 4.27 21.70 -34.78
C GLU A 82 3.25 20.73 -35.34
N GLU A 83 3.42 19.46 -35.24
CA GLU A 83 2.52 18.45 -35.84
C GLU A 83 1.22 18.31 -35.04
N ALA A 84 1.28 18.52 -33.73
CA ALA A 84 0.18 18.07 -32.91
C ALA A 84 -0.98 19.11 -32.84
N ASP A 85 -2.19 18.64 -32.63
CA ASP A 85 -3.28 19.49 -32.18
C ASP A 85 -3.33 19.63 -30.70
N VAL A 86 -3.01 18.58 -29.91
CA VAL A 86 -3.00 18.58 -28.41
C VAL A 86 -1.55 18.40 -28.04
N ILE A 87 -0.94 19.38 -27.36
CA ILE A 87 0.47 19.29 -26.89
CA ILE A 87 0.46 19.30 -26.92
C ILE A 87 0.43 19.11 -25.41
N MET A 88 0.86 17.97 -24.93
CA MET A 88 0.82 17.65 -23.46
C MET A 88 2.20 17.67 -22.94
N VAL A 89 2.40 18.50 -21.89
CA VAL A 89 3.75 18.88 -21.44
C VAL A 89 4.12 17.99 -20.28
N LEU A 90 5.04 17.05 -20.48
CA LEU A 90 5.34 16.05 -19.40
C LEU A 90 6.82 15.94 -19.17
N VAL A 91 7.38 17.13 -18.98
CA VAL A 91 8.78 17.31 -18.45
C VAL A 91 8.64 17.79 -17.03
N PRO A 92 9.68 17.78 -16.21
CA PRO A 92 9.54 18.23 -14.78
C PRO A 92 8.92 19.62 -14.69
N ASP A 93 8.14 19.89 -13.66
CA ASP A 93 7.44 21.16 -13.49
C ASP A 93 8.40 22.30 -13.52
N GLU A 94 9.59 22.19 -12.90
CA GLU A 94 10.51 23.34 -12.86
C GLU A 94 11.15 23.70 -14.20
N ILE A 95 11.17 22.75 -15.14
CA ILE A 95 11.78 22.81 -16.52
C ILE A 95 10.71 23.30 -17.51
N GLN A 96 9.43 23.14 -17.22
CA GLN A 96 8.36 23.42 -18.25
C GLN A 96 8.41 24.83 -18.81
N PRO A 97 8.66 25.86 -17.97
CA PRO A 97 8.61 27.18 -18.58
C PRO A 97 9.71 27.39 -19.62
N LYS A 98 10.90 26.86 -19.38
CA LYS A 98 11.94 26.95 -20.40
C LYS A 98 11.65 26.11 -21.60
N VAL A 99 11.20 24.85 -21.42
CA VAL A 99 10.87 24.06 -22.58
C VAL A 99 9.69 24.64 -23.33
N TYR A 100 8.71 25.18 -22.64
CA TYR A 100 7.57 25.80 -23.33
C TYR A 100 8.06 27.02 -24.20
N GLN A 101 8.87 27.90 -23.59
CA GLN A 101 9.25 29.08 -24.34
C GLN A 101 10.13 28.68 -25.52
N GLU A 102 10.99 27.68 -25.39
CA GLU A 102 11.98 27.42 -26.43
C GLU A 102 11.51 26.44 -27.48
N HIS A 103 10.55 25.55 -27.22
CA HIS A 103 10.19 24.52 -28.18
C HIS A 103 8.72 24.44 -28.37
N ILE A 104 7.88 25.10 -27.61
CA ILE A 104 6.42 24.88 -27.79
C ILE A 104 5.72 26.11 -28.25
N ALA A 105 5.90 27.26 -27.61
CA ALA A 105 5.08 28.43 -27.85
C ALA A 105 5.02 28.83 -29.31
N ALA A 106 6.11 28.80 -29.99
CA ALA A 106 6.09 29.31 -31.38
C ALA A 106 5.39 28.39 -32.30
N HIS A 107 5.03 27.20 -31.88
CA HIS A 107 4.40 26.26 -32.77
C HIS A 107 2.91 26.18 -32.48
N LEU A 108 2.38 26.88 -31.49
CA LEU A 108 0.92 26.81 -31.17
C LEU A 108 0.14 27.62 -32.18
N LYS A 109 -0.89 27.00 -32.68
CA LYS A 109 -1.75 27.66 -33.75
C LYS A 109 -3.06 27.90 -33.09
N ALA A 110 -3.83 28.90 -33.55
CA ALA A 110 -5.21 29.07 -32.96
C ALA A 110 -6.00 27.79 -33.09
N GLY A 111 -6.66 27.33 -32.04
CA GLY A 111 -7.39 26.07 -32.18
C GLY A 111 -6.63 24.85 -31.68
N ASN A 112 -5.33 24.97 -31.40
CA ASN A 112 -4.63 23.85 -30.67
C ASN A 112 -5.03 23.88 -29.20
N THR A 113 -4.59 22.80 -28.49
CA THR A 113 -4.80 22.68 -27.03
C THR A 113 -3.47 22.45 -26.39
N LEU A 114 -3.15 23.17 -25.36
CA LEU A 114 -2.00 22.94 -24.54
C LEU A 114 -2.50 22.20 -23.29
N ALA A 115 -1.88 21.09 -22.95
CA ALA A 115 -2.35 20.31 -21.81
C ALA A 115 -1.16 20.04 -20.87
N PHE A 116 -1.58 19.82 -19.63
CA PHE A 116 -0.71 19.49 -18.49
C PHE A 116 -1.29 18.31 -17.71
N ALA A 117 -0.43 17.74 -16.87
CA ALA A 117 -0.85 16.69 -15.94
C ALA A 117 -0.79 17.19 -14.51
N HIS A 118 -0.48 18.46 -14.30
CA HIS A 118 -0.44 19.08 -12.96
C HIS A 118 -0.66 20.52 -13.23
N GLY A 119 -1.38 21.20 -12.27
CA GLY A 119 -1.62 22.64 -12.56
C GLY A 119 -0.59 23.58 -12.08
N PHE A 120 0.56 23.15 -11.60
CA PHE A 120 1.53 24.01 -10.95
C PHE A 120 1.89 25.21 -11.80
N ASN A 121 2.37 25.05 -13.00
CA ASN A 121 2.88 26.20 -13.80
C ASN A 121 1.82 27.15 -14.21
N ILE A 122 0.63 26.66 -14.55
CA ILE A 122 -0.43 27.64 -14.98
C ILE A 122 -0.96 28.28 -13.69
N HIS A 123 -1.25 27.53 -12.63
CA HIS A 123 -1.76 28.14 -11.32
C HIS A 123 -0.85 29.20 -10.78
N TYR A 124 0.45 28.93 -10.74
CA TYR A 124 1.36 29.86 -10.11
C TYR A 124 1.85 30.85 -11.11
N GLY A 125 1.48 30.83 -12.36
CA GLY A 125 1.78 31.87 -13.30
C GLY A 125 3.14 31.83 -13.98
N TYR A 126 3.79 30.66 -13.98
CA TYR A 126 5.08 30.52 -14.68
CA TYR A 126 5.08 30.52 -14.62
C TYR A 126 4.95 30.35 -16.17
N ILE A 127 3.76 29.92 -16.64
CA ILE A 127 3.45 29.79 -18.07
C ILE A 127 2.13 30.53 -18.22
N VAL A 128 2.15 31.46 -19.20
CA VAL A 128 0.94 32.18 -19.63
C VAL A 128 0.68 31.89 -21.12
N PRO A 129 -0.18 30.97 -21.42
CA PRO A 129 -0.50 30.65 -22.86
C PRO A 129 -1.18 31.74 -23.65
N PRO A 130 -1.04 31.70 -25.01
CA PRO A 130 -1.71 32.73 -25.90
C PRO A 130 -3.16 32.51 -25.86
N GLU A 131 -3.94 33.47 -26.40
CA GLU A 131 -5.39 33.47 -26.05
C GLU A 131 -6.30 32.46 -26.81
N ASP A 132 -5.90 32.13 -28.02
CA ASP A 132 -6.69 31.33 -29.02
C ASP A 132 -6.38 29.82 -28.96
N VAL A 133 -5.78 29.36 -27.88
CA VAL A 133 -5.55 27.89 -27.64
C VAL A 133 -6.28 27.50 -26.33
N ASN A 134 -6.73 26.25 -26.31
CA ASN A 134 -7.31 25.71 -25.09
C ASN A 134 -6.15 25.44 -24.09
N VAL A 135 -6.48 25.53 -22.82
CA VAL A 135 -5.45 25.12 -21.78
C VAL A 135 -6.27 24.18 -20.92
N ILE A 136 -5.81 22.88 -20.86
CA ILE A 136 -6.53 21.80 -20.17
C ILE A 136 -5.54 21.02 -19.32
N MET A 137 -6.13 20.17 -18.44
CA MET A 137 -5.29 19.25 -17.71
CA MET A 137 -5.35 19.30 -17.59
C MET A 137 -6.03 17.94 -17.50
N CYS A 138 -5.21 16.88 -17.69
CA CYS A 138 -5.61 15.58 -17.30
C CYS A 138 -4.60 15.11 -16.27
N ALA A 139 -5.00 15.12 -15.00
CA ALA A 139 -4.06 14.80 -13.89
C ALA A 139 -4.42 13.46 -13.32
N PRO A 140 -3.66 12.41 -13.73
CA PRO A 140 -3.90 11.10 -13.08
C PRO A 140 -3.48 11.13 -11.67
N LYS A 141 -4.34 10.58 -10.81
CA LYS A 141 -4.01 10.45 -9.41
C LYS A 141 -3.27 9.17 -9.09
N GLY A 142 -2.06 9.14 -9.59
CA GLY A 142 -1.26 7.98 -9.46
C GLY A 142 0.10 8.16 -10.17
N PRO A 143 1.17 7.51 -9.71
CA PRO A 143 2.43 7.61 -10.30
C PRO A 143 2.45 6.99 -11.67
N GLY A 144 3.29 7.59 -12.56
CA GLY A 144 3.25 7.20 -13.97
C GLY A 144 3.38 5.74 -14.33
N HIS A 145 4.29 5.05 -13.59
CA HIS A 145 4.42 3.62 -13.92
C HIS A 145 3.20 2.84 -13.66
N ILE A 146 2.44 3.28 -12.64
CA ILE A 146 1.19 2.62 -12.34
C ILE A 146 0.02 3.04 -13.26
N VAL A 147 0.04 4.34 -13.75
CA VAL A 147 -0.93 4.79 -14.73
C VAL A 147 -0.79 3.85 -15.97
N ARG A 148 0.43 3.48 -16.32
CA ARG A 148 0.61 2.53 -17.42
C ARG A 148 0.18 1.09 -17.00
N ARG A 149 0.70 0.59 -15.88
CA ARG A 149 0.41 -0.76 -15.50
C ARG A 149 -1.05 -1.04 -15.33
N GLN A 150 -1.82 -0.21 -14.67
CA GLN A 150 -3.23 -0.47 -14.48
C GLN A 150 -3.93 -0.49 -15.80
N PHE A 151 -3.56 0.43 -16.76
CA PHE A 151 -4.28 0.45 -18.01
C PHE A 151 -4.04 -0.89 -18.75
N THR A 152 -2.82 -1.40 -18.74
CA THR A 152 -2.56 -2.67 -19.45
C THR A 152 -3.28 -3.81 -18.78
N GLU A 153 -3.58 -3.75 -17.48
CA GLU A 153 -4.28 -4.83 -16.78
C GLU A 153 -5.77 -4.69 -16.88
N GLY A 154 -6.29 -3.71 -17.61
CA GLY A 154 -7.75 -3.49 -17.71
C GLY A 154 -8.39 -2.56 -16.70
N SER A 155 -7.58 -2.01 -15.81
N SER A 155 -7.61 -2.08 -15.74
CA SER A 155 -8.08 -1.05 -14.87
CA SER A 155 -8.12 -1.04 -14.85
C SER A 155 -7.65 0.38 -15.36
C SER A 155 -7.49 0.29 -15.29
N GLY A 156 -7.60 1.35 -14.45
CA GLY A 156 -7.09 2.68 -14.90
C GLY A 156 -7.07 3.56 -13.69
N VAL A 157 -6.05 4.40 -13.71
CA VAL A 157 -5.86 5.40 -12.56
C VAL A 157 -6.89 6.51 -12.72
N PRO A 158 -7.59 6.96 -11.65
CA PRO A 158 -8.58 8.01 -11.79
C PRO A 158 -7.91 9.33 -12.14
N ASP A 159 -8.67 10.18 -12.89
CA ASP A 159 -8.08 11.49 -13.28
C ASP A 159 -8.92 12.65 -12.76
N LEU A 160 -8.27 13.77 -12.53
CA LEU A 160 -8.90 15.07 -12.47
C LEU A 160 -8.78 15.77 -13.83
N ALA A 161 -9.89 16.32 -14.26
CA ALA A 161 -9.99 16.96 -15.58
C ALA A 161 -10.29 18.43 -15.33
N CYS A 162 -9.53 19.32 -15.97
CA CYS A 162 -9.70 20.74 -15.76
C CYS A 162 -9.53 21.52 -17.08
N VAL A 163 -10.20 22.67 -17.14
CA VAL A 163 -10.13 23.56 -18.34
C VAL A 163 -9.85 24.95 -17.75
N GLN A 164 -8.71 25.53 -18.07
CA GLN A 164 -8.35 26.91 -17.71
CA GLN A 164 -8.46 26.89 -17.66
C GLN A 164 -8.83 27.87 -18.78
N GLN A 165 -8.81 27.45 -20.02
CA GLN A 165 -9.17 28.36 -21.22
C GLN A 165 -9.75 27.48 -22.26
N ASP A 166 -10.92 27.90 -22.81
CA ASP A 166 -11.69 27.13 -23.85
C ASP A 166 -11.83 28.00 -25.10
N ALA A 167 -10.85 28.02 -25.94
CA ALA A 167 -10.84 28.78 -27.22
C ALA A 167 -11.66 28.06 -28.27
N THR A 168 -11.72 26.71 -28.29
CA THR A 168 -12.45 25.96 -29.33
C THR A 168 -13.92 25.81 -28.99
N GLY A 169 -14.33 26.03 -27.73
CA GLY A 169 -15.64 25.78 -27.20
C GLY A 169 -15.93 24.30 -26.95
N ASN A 170 -14.96 23.43 -27.21
CA ASN A 170 -15.11 22.02 -26.89
C ASN A 170 -13.96 21.55 -26.02
N ALA A 171 -13.31 22.44 -25.30
CA ALA A 171 -12.18 21.96 -24.39
C ALA A 171 -12.65 20.90 -23.45
N TRP A 172 -13.84 20.98 -22.94
CA TRP A 172 -14.27 19.94 -21.96
C TRP A 172 -14.42 18.61 -22.66
N ASP A 173 -14.92 18.57 -23.89
CA ASP A 173 -15.07 17.34 -24.59
C ASP A 173 -13.65 16.75 -24.83
N ILE A 174 -12.71 17.59 -25.23
CA ILE A 174 -11.37 17.13 -25.49
C ILE A 174 -10.70 16.54 -24.18
N VAL A 175 -10.79 17.29 -23.05
CA VAL A 175 -10.06 16.79 -21.87
C VAL A 175 -10.73 15.50 -21.36
N LEU A 176 -12.04 15.38 -21.39
CA LEU A 176 -12.69 14.15 -20.92
C LEU A 176 -12.33 13.03 -21.84
N SER A 177 -12.24 13.23 -23.16
CA SER A 177 -11.91 12.15 -24.07
C SER A 177 -10.43 11.72 -23.85
N TYR A 178 -9.52 12.69 -23.57
CA TYR A 178 -8.13 12.40 -23.29
C TYR A 178 -8.11 11.54 -22.03
N CYS A 179 -8.88 11.90 -20.98
CA CYS A 179 -8.89 11.01 -19.74
CA CYS A 179 -8.77 11.07 -19.79
C CYS A 179 -9.31 9.68 -20.08
N TRP A 180 -10.35 9.51 -20.92
CA TRP A 180 -10.69 8.18 -21.40
C TRP A 180 -9.52 7.48 -21.99
N GLY A 181 -8.74 8.19 -22.78
CA GLY A 181 -7.60 7.52 -23.52
C GLY A 181 -6.47 7.07 -22.64
N VAL A 182 -6.41 7.59 -21.43
CA VAL A 182 -5.34 7.21 -20.45
CA VAL A 182 -5.37 7.28 -20.46
C VAL A 182 -5.91 6.34 -19.36
N GLY A 183 -7.15 5.92 -19.44
CA GLY A 183 -7.73 4.92 -18.47
C GLY A 183 -8.58 5.49 -17.41
N GLY A 184 -8.76 6.79 -17.35
CA GLY A 184 -9.42 7.41 -16.20
C GLY A 184 -10.91 7.08 -16.12
N ALA A 185 -11.57 6.83 -17.24
CA ALA A 185 -12.99 6.62 -17.14
C ALA A 185 -13.30 5.24 -16.53
N ARG A 186 -12.35 4.32 -16.42
CA ARG A 186 -12.52 3.03 -15.76
C ARG A 186 -12.71 3.15 -14.32
N SER A 187 -12.12 4.14 -13.67
CA SER A 187 -12.19 4.30 -12.25
CA SER A 187 -12.18 4.32 -12.23
C SER A 187 -12.91 5.54 -11.77
N GLY A 188 -12.75 6.60 -12.56
CA GLY A 188 -13.55 7.84 -12.37
C GLY A 188 -12.78 9.04 -12.78
N ILE A 189 -13.48 9.99 -13.39
CA ILE A 189 -12.91 11.35 -13.75
C ILE A 189 -13.70 12.36 -12.91
N ILE A 190 -13.04 13.27 -12.21
CA ILE A 190 -13.67 14.38 -11.49
C ILE A 190 -13.26 15.70 -12.15
N LYS A 191 -14.25 16.53 -12.48
CA LYS A 191 -13.94 17.87 -12.96
C LYS A 191 -13.48 18.71 -11.85
N ALA A 192 -12.41 19.45 -12.05
CA ALA A 192 -11.89 20.33 -11.06
C ALA A 192 -11.31 21.56 -11.70
N THR A 193 -10.91 22.50 -10.89
CA THR A 193 -10.12 23.64 -11.45
C THR A 193 -8.67 23.49 -11.31
N PHE A 194 -7.87 24.21 -12.11
CA PHE A 194 -6.40 24.16 -11.97
C PHE A 194 -5.93 24.47 -10.58
N ALA A 195 -6.55 25.41 -9.85
CA ALA A 195 -6.11 25.72 -8.49
C ALA A 195 -6.47 24.60 -7.57
N GLU A 196 -7.67 24.01 -7.68
N GLU A 196 -7.67 23.98 -7.68
CA GLU A 196 -8.01 22.89 -6.85
CA GLU A 196 -8.08 22.81 -6.87
C GLU A 196 -7.09 21.71 -7.05
C GLU A 196 -7.20 21.56 -7.05
N GLU A 197 -6.84 21.33 -8.28
CA GLU A 197 -5.98 20.16 -8.49
C GLU A 197 -4.59 20.44 -7.93
N THR A 198 -4.04 21.68 -8.14
CA THR A 198 -2.67 21.87 -7.78
C THR A 198 -2.62 21.69 -6.26
N GLU A 199 -3.58 22.23 -5.54
CA GLU A 199 -3.49 22.28 -4.13
C GLU A 199 -3.74 20.92 -3.54
N GLU A 200 -4.68 20.21 -4.01
CA GLU A 200 -4.95 18.88 -3.38
C GLU A 200 -3.79 17.96 -3.73
N ASP A 201 -3.23 18.08 -4.94
CA ASP A 201 -2.18 17.11 -5.29
C ASP A 201 -0.92 17.35 -4.49
N LEU A 202 -0.53 18.61 -4.25
CA LEU A 202 0.56 18.92 -3.44
C LEU A 202 0.30 18.45 -2.00
N PHE A 203 -0.90 18.65 -1.50
CA PHE A 203 -1.16 18.25 -0.17
C PHE A 203 -1.07 16.74 0.02
N GLY A 204 -1.72 16.01 -0.93
CA GLY A 204 -1.67 14.55 -0.77
C GLY A 204 -0.32 13.98 -0.76
N GLU A 205 0.54 14.41 -1.69
CA GLU A 205 1.86 13.79 -1.75
C GLU A 205 2.69 14.21 -0.53
N GLN A 206 2.51 15.40 -0.01
CA GLN A 206 3.27 15.85 1.16
C GLN A 206 2.77 15.19 2.43
N ALA A 207 1.54 15.31 2.75
CA ALA A 207 1.00 14.88 4.04
C ALA A 207 0.81 13.44 4.19
N VAL A 208 0.45 12.76 3.08
CA VAL A 208 -0.08 11.37 3.24
C VAL A 208 0.70 10.39 2.41
N LEU A 209 0.75 10.54 1.11
CA LEU A 209 1.20 9.48 0.21
C LEU A 209 2.66 9.27 0.25
N CYS A 210 3.46 10.32 0.29
CA CYS A 210 4.89 10.14 0.11
C CYS A 210 5.53 10.68 1.38
N GLY A 211 5.34 11.92 1.78
CA GLY A 211 5.84 12.41 3.08
C GLY A 211 5.45 11.59 4.32
N GLY A 212 4.17 11.58 4.50
CA GLY A 212 3.64 10.88 5.68
C GLY A 212 4.02 9.40 5.67
N LEU A 213 3.73 8.71 4.56
CA LEU A 213 3.90 7.27 4.53
C LEU A 213 5.35 6.90 4.73
N VAL A 214 6.28 7.51 4.01
CA VAL A 214 7.67 7.04 4.12
C VAL A 214 8.22 7.42 5.50
N GLU A 215 7.87 8.54 6.09
CA GLU A 215 8.37 8.82 7.41
C GLU A 215 7.72 7.86 8.42
N LEU A 216 6.49 7.43 8.25
CA LEU A 216 5.87 6.53 9.29
C LEU A 216 6.63 5.21 9.18
N VAL A 217 6.91 4.64 7.99
CA VAL A 217 7.56 3.35 7.91
C VAL A 217 9.00 3.53 8.39
N LYS A 218 9.69 4.62 8.07
CA LYS A 218 11.02 4.81 8.64
C LYS A 218 11.00 4.91 10.13
N ALA A 219 10.04 5.59 10.72
CA ALA A 219 10.05 5.75 12.19
C ALA A 219 9.78 4.42 12.83
N GLY A 220 8.91 3.66 12.28
CA GLY A 220 8.65 2.33 12.92
C GLY A 220 9.85 1.46 12.82
N PHE A 221 10.50 1.39 11.62
CA PHE A 221 11.63 0.56 11.45
C PHE A 221 12.75 0.97 12.43
N GLU A 222 13.02 2.27 12.54
CA GLU A 222 14.06 2.82 13.49
C GLU A 222 13.66 2.58 14.89
N THR A 223 12.38 2.57 15.29
CA THR A 223 12.01 2.22 16.66
C THR A 223 12.37 0.82 16.91
N LEU A 224 12.12 -0.11 16.01
CA LEU A 224 12.43 -1.50 16.23
C LEU A 224 13.92 -1.74 16.26
N THR A 225 14.69 -1.16 15.33
CA THR A 225 16.13 -1.50 15.31
C THR A 225 16.77 -0.86 16.51
N GLU A 226 16.37 0.33 16.89
CA GLU A 226 16.95 0.99 18.13
C GLU A 226 16.69 0.17 19.33
N ALA A 227 15.59 -0.57 19.39
CA ALA A 227 15.22 -1.40 20.52
C ALA A 227 15.85 -2.73 20.41
N GLY A 228 16.74 -2.99 19.46
CA GLY A 228 17.45 -4.27 19.35
C GLY A 228 16.97 -5.33 18.46
N TYR A 229 15.86 -5.03 17.77
CA TYR A 229 15.34 -6.00 16.87
CA TYR A 229 15.42 -6.03 16.78
C TYR A 229 16.18 -5.99 15.55
N PRO A 230 16.38 -7.18 14.91
CA PRO A 230 17.16 -7.23 13.68
C PRO A 230 16.50 -6.40 12.48
N PRO A 231 17.30 -5.76 11.65
CA PRO A 231 16.75 -4.95 10.56
C PRO A 231 16.01 -5.79 9.55
N GLU A 232 16.33 -7.03 9.35
CA GLU A 232 15.53 -7.83 8.35
C GLU A 232 14.12 -8.06 8.87
N LEU A 233 14.04 -8.38 10.16
CA LEU A 233 12.73 -8.53 10.80
C LEU A 233 11.98 -7.19 10.74
N ALA A 234 12.59 -6.10 11.07
CA ALA A 234 11.92 -4.84 11.09
C ALA A 234 11.45 -4.53 9.64
N TYR A 235 12.21 -4.86 8.56
CA TYR A 235 11.75 -4.63 7.21
C TYR A 235 10.50 -5.44 6.96
N PHE A 236 10.46 -6.73 7.32
CA PHE A 236 9.26 -7.53 6.94
C PHE A 236 8.07 -7.06 7.76
N GLU A 237 8.23 -6.51 8.98
CA GLU A 237 7.11 -6.06 9.79
C GLU A 237 6.62 -4.68 9.39
N CYS A 238 7.46 -3.74 9.16
CA CYS A 238 6.97 -2.35 8.99
C CYS A 238 6.88 -1.94 7.54
N TYR A 239 7.65 -2.63 6.70
CA TYR A 239 7.70 -2.14 5.32
C TYR A 239 7.03 -3.13 4.37
N HIS A 240 7.47 -4.42 4.33
CA HIS A 240 6.97 -5.33 3.31
C HIS A 240 5.50 -5.61 3.56
N GLU A 241 5.09 -5.72 4.83
CA GLU A 241 3.66 -6.00 5.11
C GLU A 241 2.74 -4.85 4.76
N MET A 242 3.26 -3.62 4.64
N MET A 242 3.27 -3.63 4.67
CA MET A 242 2.38 -2.48 4.34
CA MET A 242 2.36 -2.52 4.43
C MET A 242 1.56 -2.75 3.06
C MET A 242 1.60 -2.69 3.09
N LYS A 243 2.21 -3.28 2.02
CA LYS A 243 1.50 -3.47 0.76
C LYS A 243 0.33 -4.35 0.92
N MET A 244 0.42 -5.30 1.80
CA MET A 244 -0.62 -6.27 1.95
C MET A 244 -1.87 -5.69 2.66
N ILE A 245 -1.61 -4.88 3.69
CA ILE A 245 -2.67 -4.17 4.38
C ILE A 245 -3.35 -3.17 3.44
N VAL A 246 -2.53 -2.43 2.64
CA VAL A 246 -3.14 -1.46 1.79
C VAL A 246 -3.87 -2.11 0.61
N ASP A 247 -3.42 -3.24 0.19
CA ASP A 247 -4.16 -3.93 -0.89
C ASP A 247 -5.62 -4.26 -0.42
N LEU A 248 -5.76 -4.75 0.82
CA LEU A 248 -7.11 -5.01 1.27
C LEU A 248 -7.93 -3.73 1.38
N MET A 249 -7.35 -2.68 1.93
CA MET A 249 -8.09 -1.42 1.96
C MET A 249 -8.50 -0.87 0.60
N TYR A 250 -7.60 -1.04 -0.40
CA TYR A 250 -7.83 -0.56 -1.78
C TYR A 250 -8.95 -1.30 -2.41
N GLU A 251 -9.00 -2.58 -2.13
CA GLU A 251 -10.04 -3.46 -2.88
C GLU A 251 -11.33 -3.41 -2.16
N SER A 252 -11.35 -3.38 -0.80
CA SER A 252 -12.54 -3.73 -0.11
C SER A 252 -12.85 -2.87 1.13
N GLY A 253 -12.08 -1.79 1.35
CA GLY A 253 -12.37 -0.88 2.44
C GLY A 253 -11.65 -1.20 3.76
N ILE A 254 -11.60 -0.19 4.62
CA ILE A 254 -11.08 -0.39 5.98
C ILE A 254 -11.87 -1.42 6.67
N HIS A 255 -13.17 -1.45 6.50
CA HIS A 255 -13.93 -2.45 7.27
C HIS A 255 -13.46 -3.87 6.90
N PHE A 256 -13.13 -4.18 5.64
CA PHE A 256 -12.69 -5.51 5.31
C PHE A 256 -11.25 -5.74 5.77
N MET A 257 -10.37 -4.77 5.66
CA MET A 257 -9.03 -5.01 6.19
CA MET A 257 -9.03 -4.81 6.26
C MET A 257 -9.14 -5.29 7.68
N ASN A 258 -9.98 -4.56 8.41
CA ASN A 258 -10.07 -4.79 9.88
C ASN A 258 -10.74 -6.09 10.14
N TYR A 259 -11.58 -6.63 9.27
CA TYR A 259 -12.12 -7.98 9.44
C TYR A 259 -11.02 -9.00 9.18
N SER A 260 -10.12 -8.79 8.24
CA SER A 260 -9.09 -9.76 8.01
C SER A 260 -8.04 -9.86 9.07
N ILE A 261 -7.59 -8.77 9.60
CA ILE A 261 -6.59 -8.76 10.66
C ILE A 261 -7.26 -9.31 11.95
N SER A 262 -6.39 -9.72 12.89
CA SER A 262 -6.93 -10.27 14.11
C SER A 262 -7.64 -9.23 14.99
N ASN A 263 -8.40 -9.74 15.97
CA ASN A 263 -8.96 -8.76 16.96
C ASN A 263 -7.89 -8.10 17.74
N THR A 264 -6.80 -8.75 18.02
CA THR A 264 -5.65 -8.16 18.70
C THR A 264 -5.15 -7.00 17.95
N ALA A 265 -4.98 -7.12 16.64
CA ALA A 265 -4.43 -6.04 15.80
C ALA A 265 -5.48 -4.93 15.72
N GLU A 266 -6.76 -5.27 15.51
CA GLU A 266 -7.73 -4.26 15.29
C GLU A 266 -7.89 -3.44 16.56
N TYR A 267 -7.91 -4.03 17.75
CA TYR A 267 -7.90 -3.20 18.97
C TYR A 267 -6.68 -2.36 19.01
N GLY A 268 -5.53 -2.92 18.68
CA GLY A 268 -4.29 -2.14 18.67
C GLY A 268 -4.38 -0.97 17.67
N GLU A 269 -4.98 -1.17 16.49
CA GLU A 269 -5.13 -0.07 15.58
C GLU A 269 -5.86 1.09 16.21
N TYR A 270 -7.00 0.82 16.82
CA TYR A 270 -7.86 1.88 17.31
C TYR A 270 -7.19 2.57 18.49
N TYR A 271 -6.46 1.87 19.31
CA TYR A 271 -5.73 2.45 20.44
C TYR A 271 -4.52 3.24 20.03
N ALA A 272 -3.74 2.77 19.05
CA ALA A 272 -2.47 3.40 18.79
C ALA A 272 -2.56 4.46 17.75
N GLY A 273 -3.43 4.34 16.76
CA GLY A 273 -3.45 5.35 15.66
C GLY A 273 -3.46 6.80 16.12
N PRO A 274 -4.28 7.21 17.03
CA PRO A 274 -4.30 8.64 17.43
C PRO A 274 -3.12 9.03 18.26
N LYS A 275 -2.38 8.11 18.80
CA LYS A 275 -1.13 8.42 19.52
C LYS A 275 -0.02 8.70 18.49
N VAL A 276 0.13 7.92 17.39
CA VAL A 276 1.21 8.13 16.42
C VAL A 276 0.80 9.30 15.55
N ILE A 277 -0.42 9.35 15.01
CA ILE A 277 -0.87 10.49 14.17
C ILE A 277 -1.70 11.34 15.08
N ASN A 278 -0.97 12.25 15.80
CA ASN A 278 -1.47 12.97 17.02
C ASN A 278 -1.93 14.39 16.65
N GLU A 279 -2.33 15.14 17.68
CA GLU A 279 -2.78 16.50 17.42
C GLU A 279 -1.72 17.34 16.75
N GLN A 280 -0.48 17.12 17.09
N GLN A 280 -0.43 17.15 17.09
CA GLN A 280 0.52 17.85 16.41
CA GLN A 280 0.76 17.81 16.40
C GLN A 280 0.56 17.45 14.91
C GLN A 280 0.91 17.36 14.92
N SER A 281 0.53 16.11 14.60
CA SER A 281 0.49 15.64 13.21
C SER A 281 -0.61 16.38 12.47
N ARG A 282 -1.79 16.47 13.06
CA ARG A 282 -2.94 17.15 12.41
C ARG A 282 -2.66 18.65 12.23
N GLU A 283 -2.06 19.28 13.26
CA GLU A 283 -1.74 20.68 13.08
C GLU A 283 -0.68 20.83 11.95
N ALA A 284 0.26 19.91 11.85
CA ALA A 284 1.26 19.98 10.78
C ALA A 284 0.57 19.81 9.43
N MET A 285 -0.45 19.00 9.33
CA MET A 285 -1.16 18.89 8.05
C MET A 285 -1.85 20.16 7.69
N LYS A 286 -2.40 20.87 8.69
CA LYS A 286 -3.05 22.20 8.41
C LYS A 286 -1.97 23.16 7.93
N GLU A 287 -0.81 23.17 8.52
CA GLU A 287 0.24 24.10 8.11
C GLU A 287 0.77 23.75 6.70
N ILE A 288 0.90 22.44 6.40
CA ILE A 288 1.25 22.03 5.07
C ILE A 288 0.26 22.60 4.08
N LEU A 289 -1.03 22.46 4.32
CA LEU A 289 -2.02 22.98 3.44
C LEU A 289 -1.96 24.51 3.31
N LYS A 290 -1.70 25.18 4.45
CA LYS A 290 -1.63 26.69 4.43
C LYS A 290 -0.46 27.10 3.50
N ARG A 291 0.69 26.48 3.58
CA ARG A 291 1.83 26.88 2.73
C ARG A 291 1.64 26.48 1.29
N ILE A 292 0.81 25.50 1.01
CA ILE A 292 0.45 25.22 -0.34
C ILE A 292 -0.48 26.34 -0.87
N GLN A 293 -1.50 26.69 -0.12
CA GLN A 293 -2.49 27.65 -0.59
C GLN A 293 -1.88 29.02 -0.69
N ASP A 294 -0.94 29.38 0.12
CA ASP A 294 -0.41 30.76 0.08
C ASP A 294 0.74 30.92 -0.93
N GLY A 295 1.14 29.79 -1.57
CA GLY A 295 2.23 29.83 -2.63
C GLY A 295 3.63 29.71 -1.98
N SER A 296 3.77 29.64 -0.69
CA SER A 296 5.09 29.57 -0.09
C SER A 296 5.82 28.26 -0.36
N PHE A 297 5.10 27.11 -0.35
CA PHE A 297 5.78 25.90 -0.69
C PHE A 297 6.27 25.96 -2.18
N ALA A 298 5.43 26.43 -3.08
CA ALA A 298 5.79 26.45 -4.52
C ALA A 298 7.09 27.33 -4.62
N GLN A 299 7.15 28.48 -3.93
CA GLN A 299 8.39 29.25 -4.02
C GLN A 299 9.58 28.56 -3.44
N GLU A 300 9.42 27.85 -2.32
CA GLU A 300 10.53 27.11 -1.76
C GLU A 300 11.07 26.06 -2.75
N PHE A 301 10.14 25.34 -3.33
CA PHE A 301 10.54 24.31 -4.23
C PHE A 301 11.25 24.94 -5.49
N VAL A 302 10.66 25.97 -6.10
CA VAL A 302 11.35 26.59 -7.24
C VAL A 302 12.67 27.20 -6.79
N ASP A 303 12.80 27.75 -5.59
CA ASP A 303 14.11 28.24 -5.13
C ASP A 303 15.12 27.15 -5.08
N ASP A 304 14.75 25.95 -4.58
CA ASP A 304 15.71 24.90 -4.54
C ASP A 304 16.11 24.42 -5.92
N CYS A 305 15.13 24.37 -6.84
CA CYS A 305 15.47 24.06 -8.23
C CYS A 305 16.43 25.05 -8.89
N ASN A 306 16.35 26.30 -8.48
CA ASN A 306 17.26 27.32 -9.03
C ASN A 306 18.54 27.34 -8.23
N ASN A 307 18.71 26.48 -7.28
CA ASN A 307 19.98 26.32 -6.54
C ASN A 307 20.47 24.89 -6.78
N GLY A 308 20.35 24.34 -7.98
CA GLY A 308 20.93 23.09 -8.28
C GLY A 308 20.34 21.87 -7.52
N HIS A 309 19.05 21.98 -7.23
CA HIS A 309 18.37 20.91 -6.42
C HIS A 309 19.17 20.55 -5.16
N LYS A 310 19.80 21.54 -4.52
CA LYS A 310 20.70 21.22 -3.47
C LYS A 310 19.98 20.41 -2.36
N ARG A 311 18.85 20.93 -1.86
CA ARG A 311 18.16 20.23 -0.76
C ARG A 311 17.60 18.90 -1.21
N LEU A 312 16.96 18.92 -2.37
CA LEU A 312 16.41 17.67 -2.84
C LEU A 312 17.42 16.56 -2.86
N LEU A 313 18.59 16.83 -3.45
CA LEU A 313 19.57 15.79 -3.61
C LEU A 313 20.32 15.45 -2.31
N GLU A 314 20.53 16.39 -1.39
CA GLU A 314 21.08 15.86 -0.14
CA GLU A 314 21.00 16.06 -0.03
C GLU A 314 20.06 14.98 0.61
N GLN A 315 18.76 15.25 0.48
CA GLN A 315 17.85 14.36 1.16
CA GLN A 315 17.75 14.43 1.14
C GLN A 315 17.62 13.07 0.40
N ARG A 316 17.76 13.06 -0.92
CA ARG A 316 17.75 11.83 -1.69
C ARG A 316 18.89 10.97 -1.30
N GLU A 317 20.12 11.53 -1.18
CA GLU A 317 21.24 10.73 -0.79
C GLU A 317 21.02 10.12 0.64
N ALA A 318 20.43 10.91 1.51
CA ALA A 318 20.20 10.38 2.87
C ALA A 318 19.23 9.26 2.89
N ILE A 319 18.14 9.32 2.14
CA ILE A 319 17.23 8.19 2.22
C ILE A 319 17.72 7.00 1.45
N ASN A 320 18.45 7.23 0.37
CA ASN A 320 18.89 6.10 -0.49
C ASN A 320 19.96 5.27 0.23
N THR A 321 20.62 5.85 1.21
CA THR A 321 21.64 5.14 2.00
C THR A 321 21.18 4.75 3.36
N HIS A 322 19.94 4.99 3.65
CA HIS A 322 19.36 4.60 4.96
C HIS A 322 19.34 3.09 5.10
N PRO A 323 19.53 2.56 6.33
CA PRO A 323 19.44 1.14 6.49
C PRO A 323 18.13 0.42 6.08
N ILE A 324 17.01 1.11 6.01
CA ILE A 324 15.85 0.47 5.45
C ILE A 324 16.02 0.15 3.98
N GLU A 325 16.78 1.01 3.23
CA GLU A 325 16.97 0.71 1.84
C GLU A 325 18.02 -0.31 1.61
N THR A 326 19.12 -0.29 2.36
CA THR A 326 20.13 -1.34 2.14
C THR A 326 19.62 -2.70 2.54
N THR A 327 18.85 -2.75 3.61
CA THR A 327 18.28 -4.03 4.05
C THR A 327 17.25 -4.49 3.08
N GLY A 328 16.39 -3.55 2.61
CA GLY A 328 15.34 -3.97 1.62
C GLY A 328 15.89 -4.44 0.30
N ALA A 329 16.96 -3.77 -0.20
CA ALA A 329 17.45 -4.24 -1.52
C ALA A 329 17.98 -5.65 -1.36
N GLN A 330 18.70 -5.96 -0.28
CA GLN A 330 19.18 -7.36 -0.14
CA GLN A 330 19.19 -7.35 0.01
C GLN A 330 18.05 -8.35 -0.01
N ILE A 331 17.02 -8.04 0.81
CA ILE A 331 15.85 -8.96 0.97
C ILE A 331 15.17 -9.19 -0.31
N ARG A 332 14.84 -8.12 -1.06
CA ARG A 332 14.07 -8.29 -2.25
C ARG A 332 14.85 -9.10 -3.32
N SER A 333 16.20 -9.02 -3.26
CA SER A 333 16.99 -9.73 -4.25
C SER A 333 16.91 -11.24 -4.11
N MET A 334 16.39 -11.70 -3.01
CA MET A 334 16.34 -13.16 -2.69
C MET A 334 14.99 -13.70 -2.81
N PHE A 335 14.00 -12.92 -3.21
CA PHE A 335 12.64 -13.47 -3.41
C PHE A 335 12.62 -14.46 -4.56
N SER A 336 11.84 -15.48 -4.47
CA SER A 336 11.81 -16.45 -5.55
C SER A 336 10.29 -16.50 -5.89
N TRP A 337 9.94 -16.59 -7.15
CA TRP A 337 8.54 -16.94 -7.49
C TRP A 337 8.36 -18.33 -8.21
N ILE A 338 7.27 -19.10 -7.92
CA ILE A 338 6.98 -20.43 -8.53
C ILE A 338 6.11 -20.25 -9.81
N THR B 13 20.71 -15.25 8.20
CA THR B 13 19.74 -14.70 9.07
C THR B 13 18.42 -15.19 8.37
N ILE B 14 18.31 -15.05 7.06
CA ILE B 14 17.02 -15.44 6.41
C ILE B 14 17.22 -16.74 5.74
N LEU B 15 16.22 -17.63 5.90
CA LEU B 15 16.25 -18.99 5.32
C LEU B 15 15.31 -19.13 4.18
N TYR B 16 15.65 -19.93 3.16
CA TYR B 16 14.91 -20.11 1.95
C TYR B 16 14.67 -21.57 1.68
N GLU B 17 14.26 -21.97 0.46
CA GLU B 17 13.82 -23.36 0.21
C GLU B 17 14.99 -24.31 0.48
N GLN B 18 16.22 -23.95 0.10
CA GLN B 18 17.32 -24.91 0.28
C GLN B 18 17.66 -25.13 1.75
N ASP B 19 17.08 -24.40 2.70
CA ASP B 19 17.36 -24.49 4.08
C ASP B 19 16.29 -25.31 4.86
N VAL B 20 15.23 -25.70 4.16
CA VAL B 20 14.11 -26.40 4.80
C VAL B 20 13.89 -27.75 4.12
N ASP B 21 13.21 -28.64 4.80
CA ASP B 21 12.98 -29.95 4.17
C ASP B 21 11.44 -30.12 4.07
N PRO B 22 10.85 -30.08 2.88
CA PRO B 22 9.42 -30.21 2.68
C PRO B 22 8.91 -31.59 3.17
N LYS B 23 9.77 -32.62 3.10
CA LYS B 23 9.27 -33.94 3.36
C LYS B 23 8.85 -34.08 4.83
N VAL B 24 9.38 -33.27 5.75
CA VAL B 24 9.02 -33.41 7.19
C VAL B 24 7.53 -33.10 7.37
N ILE B 25 7.05 -31.91 6.90
CA ILE B 25 5.61 -31.66 7.14
C ILE B 25 4.79 -32.51 6.22
N GLN B 26 5.28 -32.95 5.06
CA GLN B 26 4.50 -33.81 4.17
C GLN B 26 4.30 -35.15 4.88
N GLY B 27 5.10 -35.52 5.85
CA GLY B 27 4.96 -36.78 6.60
C GLY B 27 4.16 -36.68 7.82
N LEU B 28 3.54 -35.54 8.13
CA LEU B 28 2.78 -35.37 9.38
C LEU B 28 1.35 -34.97 9.09
N LYS B 29 0.40 -35.42 9.90
CA LYS B 29 -0.99 -34.99 9.80
C LYS B 29 -1.19 -33.67 10.54
N VAL B 30 -1.73 -32.68 9.85
CA VAL B 30 -1.95 -31.36 10.47
C VAL B 30 -3.43 -31.17 10.68
N GLY B 31 -3.76 -30.66 11.88
CA GLY B 31 -5.10 -30.25 12.28
C GLY B 31 -5.12 -28.74 12.44
N ILE B 32 -5.90 -28.04 11.66
CA ILE B 32 -6.06 -26.58 11.79
C ILE B 32 -7.29 -26.33 12.57
N ILE B 33 -7.19 -25.72 13.75
CA ILE B 33 -8.40 -25.45 14.57
C ILE B 33 -8.80 -24.01 14.23
N GLY B 34 -10.00 -23.91 13.66
CA GLY B 34 -10.53 -22.66 13.12
C GLY B 34 -10.37 -22.52 11.65
N TYR B 35 -11.16 -21.62 11.08
CA TYR B 35 -11.13 -21.40 9.64
C TYR B 35 -11.36 -19.93 9.38
N GLY B 36 -10.70 -19.09 10.13
CA GLY B 36 -10.80 -17.62 9.87
C GLY B 36 -9.71 -17.16 8.96
N SER B 37 -9.26 -15.95 9.19
CA SER B 37 -8.35 -15.33 8.23
C SER B 37 -7.08 -16.13 8.08
N GLN B 38 -6.35 -16.48 9.16
CA GLN B 38 -5.19 -17.37 9.00
C GLN B 38 -5.59 -18.80 8.75
N GLY B 39 -6.64 -19.24 9.49
CA GLY B 39 -6.99 -20.67 9.31
C GLY B 39 -7.22 -21.11 7.89
N HIS B 40 -7.98 -20.32 7.11
CA HIS B 40 -8.24 -20.83 5.74
C HIS B 40 -6.95 -20.78 4.98
N ALA B 41 -6.09 -19.77 5.16
CA ALA B 41 -4.84 -19.66 4.44
C ALA B 41 -3.89 -20.81 4.73
N HIS B 42 -3.76 -21.18 5.98
CA HIS B 42 -2.80 -22.27 6.35
C HIS B 42 -3.41 -23.57 5.82
N ALA B 43 -4.70 -23.80 6.02
CA ALA B 43 -5.29 -25.11 5.59
C ALA B 43 -5.14 -25.28 4.13
N LEU B 44 -5.48 -24.22 3.38
CA LEU B 44 -5.46 -24.44 1.89
C LEU B 44 -4.02 -24.42 1.36
N ASN B 45 -3.09 -23.62 1.87
CA ASN B 45 -1.77 -23.65 1.39
C ASN B 45 -1.12 -25.01 1.71
N LEU B 46 -1.38 -25.56 2.89
CA LEU B 46 -0.74 -26.86 3.26
C LEU B 46 -1.39 -27.93 2.36
N MET B 47 -2.71 -27.91 2.13
CA MET B 47 -3.39 -28.88 1.21
CA MET B 47 -3.22 -28.98 1.29
C MET B 47 -2.67 -28.85 -0.13
N ASP B 48 -2.43 -27.63 -0.62
CA ASP B 48 -1.84 -27.51 -2.00
C ASP B 48 -0.39 -27.93 -1.97
N SER B 49 0.27 -27.96 -0.84
CA SER B 49 1.70 -28.35 -0.69
C SER B 49 1.84 -29.84 -0.37
N GLY B 50 0.74 -30.56 -0.48
CA GLY B 50 0.81 -32.01 -0.33
C GLY B 50 0.73 -32.55 1.07
N VAL B 51 0.25 -31.71 2.01
CA VAL B 51 0.14 -32.17 3.39
C VAL B 51 -1.25 -32.70 3.64
N ASP B 52 -1.34 -33.75 4.53
CA ASP B 52 -2.59 -34.32 5.00
C ASP B 52 -3.15 -33.42 6.08
N VAL B 53 -4.17 -32.66 5.73
CA VAL B 53 -4.76 -31.56 6.59
CA VAL B 53 -4.68 -31.62 6.64
C VAL B 53 -6.18 -31.84 6.88
N ARG B 54 -6.66 -31.49 8.08
CA ARG B 54 -8.06 -31.42 8.35
C ARG B 54 -8.27 -30.12 9.10
N VAL B 55 -9.50 -29.60 8.99
CA VAL B 55 -9.92 -28.38 9.74
C VAL B 55 -10.91 -28.81 10.78
N GLY B 56 -10.70 -28.28 11.99
CA GLY B 56 -11.61 -28.53 13.10
C GLY B 56 -12.46 -27.30 13.43
N LEU B 57 -13.77 -27.49 13.35
CA LEU B 57 -14.78 -26.38 13.59
C LEU B 57 -15.85 -26.88 14.55
N ARG B 58 -16.62 -25.93 15.06
CA ARG B 58 -17.88 -26.37 15.79
C ARG B 58 -18.91 -26.85 14.78
N GLU B 59 -19.57 -27.99 15.16
CA GLU B 59 -20.73 -28.49 14.41
C GLU B 59 -21.72 -27.40 14.12
N GLY B 60 -22.14 -27.28 12.88
CA GLY B 60 -23.11 -26.20 12.55
C GLY B 60 -22.48 -24.87 12.22
N SER B 61 -21.15 -24.74 12.31
CA SER B 61 -20.54 -23.52 11.79
C SER B 61 -20.79 -23.17 10.33
N SER B 62 -21.00 -21.82 10.04
CA SER B 62 -21.10 -21.41 8.63
C SER B 62 -19.85 -21.54 7.88
N SER B 63 -18.71 -21.79 8.59
CA SER B 63 -17.52 -22.01 7.86
C SER B 63 -17.36 -23.47 7.37
N TRP B 64 -18.16 -24.37 7.93
CA TRP B 64 -17.96 -25.80 7.62
C TRP B 64 -18.14 -26.05 6.13
N LYS B 65 -19.24 -25.51 5.58
CA LYS B 65 -19.50 -25.84 4.21
C LYS B 65 -18.53 -25.11 3.31
N THR B 66 -18.03 -23.89 3.66
CA THR B 66 -17.09 -23.20 2.87
C THR B 66 -15.74 -23.99 2.78
N ALA B 67 -15.34 -24.54 3.95
CA ALA B 67 -14.08 -25.33 3.89
C ALA B 67 -14.23 -26.64 3.12
N GLU B 68 -15.41 -27.24 3.28
CA GLU B 68 -15.62 -28.50 2.44
C GLU B 68 -15.69 -28.15 1.03
N GLU B 69 -16.37 -27.03 0.71
CA GLU B 69 -16.42 -26.74 -0.71
C GLU B 69 -15.06 -26.42 -1.32
N ALA B 70 -14.10 -25.92 -0.50
CA ALA B 70 -12.75 -25.64 -1.01
C ALA B 70 -11.87 -26.96 -1.10
N GLY B 71 -12.51 -28.09 -0.70
CA GLY B 71 -11.86 -29.40 -0.87
C GLY B 71 -11.14 -29.91 0.34
N LEU B 72 -11.45 -29.31 1.51
CA LEU B 72 -10.74 -29.75 2.79
C LEU B 72 -11.57 -30.75 3.49
N LYS B 73 -10.91 -31.66 4.20
CA LYS B 73 -11.53 -32.46 5.19
C LYS B 73 -11.93 -31.63 6.46
N VAL B 74 -13.15 -31.64 6.89
CA VAL B 74 -13.61 -30.84 8.00
C VAL B 74 -14.21 -31.75 9.01
N THR B 75 -13.82 -31.57 10.24
CA THR B 75 -14.38 -32.31 11.36
CA THR B 75 -14.34 -32.34 11.36
C THR B 75 -14.58 -31.44 12.58
N ASP B 76 -15.12 -31.98 13.66
CA ASP B 76 -15.24 -31.24 14.86
C ASP B 76 -13.85 -30.99 15.50
N MET B 77 -13.72 -30.07 16.48
CA MET B 77 -12.38 -29.65 16.89
C MET B 77 -11.74 -30.80 17.63
N ASP B 78 -12.46 -31.61 18.42
CA ASP B 78 -11.86 -32.68 19.18
C ASP B 78 -11.38 -33.72 18.23
N THR B 79 -12.13 -34.07 17.15
CA THR B 79 -11.63 -35.08 16.21
C THR B 79 -10.37 -34.56 15.50
N ALA B 80 -10.31 -33.27 15.12
CA ALA B 80 -9.15 -32.81 14.37
C ALA B 80 -7.99 -32.88 15.31
N ALA B 81 -8.07 -32.52 16.62
CA ALA B 81 -6.93 -32.57 17.49
C ALA B 81 -6.53 -34.01 17.79
N GLU B 82 -7.48 -34.97 17.84
CA GLU B 82 -7.10 -36.37 18.03
C GLU B 82 -6.48 -36.96 16.77
N GLU B 83 -6.87 -36.63 15.61
CA GLU B 83 -6.28 -37.23 14.38
C GLU B 83 -4.88 -36.67 14.14
N ALA B 84 -4.61 -35.43 14.56
CA ALA B 84 -3.43 -34.75 14.06
C ALA B 84 -2.13 -35.06 14.78
N ASP B 85 -1.01 -34.94 14.11
CA ASP B 85 0.30 -34.87 14.78
C ASP B 85 0.70 -33.43 15.11
N VAL B 86 0.31 -32.46 14.29
CA VAL B 86 0.62 -31.04 14.44
C VAL B 86 -0.74 -30.39 14.57
N ILE B 87 -1.01 -29.74 15.74
CA ILE B 87 -2.32 -29.03 15.99
C ILE B 87 -2.02 -27.57 15.97
N MET B 88 -2.53 -26.87 14.96
CA MET B 88 -2.24 -25.41 14.79
C MET B 88 -3.47 -24.64 15.19
N VAL B 89 -3.31 -23.75 16.15
CA VAL B 89 -4.47 -23.11 16.81
C VAL B 89 -4.76 -21.75 16.19
N LEU B 90 -5.80 -21.64 15.36
CA LEU B 90 -6.06 -20.44 14.59
C LEU B 90 -7.49 -19.93 14.80
N VAL B 91 -7.81 -19.85 16.11
CA VAL B 91 -9.03 -19.12 16.67
C VAL B 91 -8.53 -17.77 17.22
N PRO B 92 -9.39 -16.81 17.52
CA PRO B 92 -8.87 -15.49 18.14
C PRO B 92 -8.03 -15.74 19.37
N ASP B 93 -7.00 -14.88 19.55
CA ASP B 93 -6.07 -15.03 20.67
C ASP B 93 -6.82 -15.08 21.96
N GLU B 94 -7.87 -14.28 22.17
CA GLU B 94 -8.50 -14.26 23.50
C GLU B 94 -9.31 -15.47 23.83
N ILE B 95 -9.70 -16.20 22.79
CA ILE B 95 -10.45 -17.44 23.05
C ILE B 95 -9.58 -18.71 22.95
N GLN B 96 -8.32 -18.64 22.57
CA GLN B 96 -7.48 -19.85 22.57
C GLN B 96 -7.39 -20.58 23.88
N PRO B 97 -7.29 -19.90 25.04
CA PRO B 97 -7.17 -20.73 26.24
C PRO B 97 -8.38 -21.58 26.48
N LYS B 98 -9.57 -21.08 26.18
CA LYS B 98 -10.78 -21.86 26.42
C LYS B 98 -10.88 -22.96 25.41
N VAL B 99 -10.61 -22.73 24.10
CA VAL B 99 -10.73 -23.78 23.12
C VAL B 99 -9.61 -24.83 23.41
N TYR B 100 -8.41 -24.38 23.75
CA TYR B 100 -7.32 -25.34 24.11
C TYR B 100 -7.75 -26.23 25.29
N GLN B 101 -8.23 -25.66 26.39
CA GLN B 101 -8.55 -26.53 27.50
C GLN B 101 -9.71 -27.40 27.15
N GLU B 102 -10.71 -26.97 26.38
CA GLU B 102 -11.92 -27.79 26.21
C GLU B 102 -11.80 -28.77 25.06
N HIS B 103 -10.99 -28.52 24.03
CA HIS B 103 -11.03 -29.36 22.82
C HIS B 103 -9.70 -29.85 22.39
N ILE B 104 -8.61 -29.33 22.91
CA ILE B 104 -7.25 -29.73 22.40
C ILE B 104 -6.43 -30.49 23.45
N ALA B 105 -6.28 -29.97 24.66
CA ALA B 105 -5.34 -30.51 25.61
C ALA B 105 -5.49 -32.01 25.86
N ALA B 106 -6.68 -32.48 26.03
CA ALA B 106 -6.84 -33.91 26.36
C ALA B 106 -6.48 -34.83 25.20
N HIS B 107 -6.29 -34.33 24.03
CA HIS B 107 -6.04 -35.15 22.84
C HIS B 107 -4.56 -35.09 22.47
N LEU B 108 -3.76 -34.34 23.18
CA LEU B 108 -2.32 -34.29 22.85
C LEU B 108 -1.63 -35.53 23.37
N LYS B 109 -0.80 -36.11 22.53
CA LYS B 109 -0.02 -37.37 22.91
C LYS B 109 1.42 -36.94 22.90
N ALA B 110 2.21 -37.67 23.68
CA ALA B 110 3.68 -37.39 23.66
C ALA B 110 4.16 -37.51 22.20
N GLY B 111 4.95 -36.50 21.77
CA GLY B 111 5.43 -36.57 20.38
C GLY B 111 4.57 -35.72 19.40
N ASN B 112 3.40 -35.29 19.84
CA ASN B 112 2.66 -34.27 19.00
C ASN B 112 3.39 -32.93 19.09
N THR B 113 2.89 -31.99 18.25
CA THR B 113 3.35 -30.60 18.20
C THR B 113 2.14 -29.72 18.30
N LEU B 114 2.18 -28.75 19.18
CA LEU B 114 1.15 -27.68 19.31
C LEU B 114 1.75 -26.45 18.64
N ALA B 115 1.02 -25.83 17.74
CA ALA B 115 1.57 -24.73 17.01
C ALA B 115 0.61 -23.56 17.08
N PHE B 116 1.23 -22.37 16.92
CA PHE B 116 0.52 -21.11 16.88
C PHE B 116 1.04 -20.28 15.77
N ALA B 117 0.25 -19.22 15.40
CA ALA B 117 0.68 -18.21 14.44
C ALA B 117 0.97 -16.85 15.04
N HIS B 118 0.98 -16.78 16.39
CA HIS B 118 1.32 -15.55 17.16
C HIS B 118 1.67 -16.05 18.50
N GLY B 119 2.66 -15.36 19.16
CA GLY B 119 3.11 -15.95 20.45
C GLY B 119 2.34 -15.45 21.61
N PHE B 120 1.28 -14.69 21.45
CA PHE B 120 0.61 -13.98 22.55
C PHE B 120 0.29 -14.95 23.70
N ASN B 121 -0.44 -16.01 23.50
CA ASN B 121 -0.87 -16.86 24.67
C ASN B 121 0.24 -17.63 25.31
N ILE B 122 1.23 -18.13 24.60
CA ILE B 122 2.32 -18.83 25.25
C ILE B 122 3.21 -17.74 25.93
N HIS B 123 3.58 -16.63 25.30
CA HIS B 123 4.39 -15.55 25.94
C HIS B 123 3.80 -15.03 27.17
N TYR B 124 2.54 -14.72 27.20
CA TYR B 124 1.98 -14.06 28.34
C TYR B 124 1.47 -15.10 29.28
N GLY B 125 1.56 -16.40 29.05
CA GLY B 125 1.24 -17.37 30.00
C GLY B 125 -0.17 -17.83 30.14
N TYR B 126 -1.03 -17.53 29.17
CA TYR B 126 -2.38 -17.96 29.20
C TYR B 126 -2.58 -19.43 28.86
N ILE B 127 -1.63 -20.05 28.12
CA ILE B 127 -1.60 -21.46 27.81
C ILE B 127 -0.22 -21.95 28.28
N VAL B 128 -0.28 -23.07 29.00
CA VAL B 128 0.94 -23.80 29.44
C VAL B 128 0.77 -25.26 28.91
N PRO B 129 1.38 -25.65 27.82
CA PRO B 129 1.29 -27.01 27.27
C PRO B 129 2.08 -27.98 28.09
N PRO B 130 1.70 -29.27 27.96
CA PRO B 130 2.30 -30.37 28.72
C PRO B 130 3.70 -30.59 28.24
N GLU B 131 4.48 -31.47 28.91
CA GLU B 131 5.94 -31.43 28.77
CA GLU B 131 5.95 -31.33 28.71
C GLU B 131 6.53 -32.17 27.51
N ASP B 132 5.81 -33.15 27.06
CA ASP B 132 6.30 -34.12 25.99
C ASP B 132 5.75 -33.79 24.59
N VAL B 133 5.30 -32.56 24.41
CA VAL B 133 4.86 -32.07 23.10
C VAL B 133 5.70 -30.90 22.68
N ASN B 134 5.94 -30.78 21.39
CA ASN B 134 6.62 -29.55 20.88
C ASN B 134 5.70 -28.40 20.94
N VAL B 135 6.25 -27.21 21.12
CA VAL B 135 5.43 -25.98 21.05
C VAL B 135 6.20 -25.06 20.11
N ILE B 136 5.55 -24.78 18.94
CA ILE B 136 6.23 -24.07 17.83
C ILE B 136 5.28 -22.96 17.35
N MET B 137 5.87 -22.07 16.52
CA MET B 137 5.07 -21.03 15.88
C MET B 137 5.60 -20.80 14.47
N CYS B 138 4.57 -20.68 13.61
CA CYS B 138 4.88 -20.15 12.25
C CYS B 138 3.97 -18.96 12.15
N ALA B 139 4.60 -17.82 12.14
CA ALA B 139 3.82 -16.51 12.19
C ALA B 139 4.08 -15.83 10.84
N PRO B 140 3.08 -15.92 9.92
CA PRO B 140 3.21 -15.14 8.68
C PRO B 140 3.07 -13.67 8.98
N LYS B 141 3.98 -12.92 8.34
CA LYS B 141 3.95 -11.47 8.45
C LYS B 141 3.08 -10.86 7.42
N GLY B 142 1.80 -11.16 7.55
CA GLY B 142 0.82 -10.70 6.56
C GLY B 142 -0.60 -11.15 7.00
N PRO B 143 -1.62 -10.45 6.55
CA PRO B 143 -2.96 -10.78 6.86
C PRO B 143 -3.36 -12.07 6.11
N GLY B 144 -4.25 -12.89 6.78
CA GLY B 144 -4.54 -14.25 6.20
C GLY B 144 -4.99 -14.31 4.78
N HIS B 145 -5.83 -13.34 4.37
CA HIS B 145 -6.30 -13.43 3.01
C HIS B 145 -5.17 -13.24 2.06
N ILE B 146 -4.13 -12.49 2.42
CA ILE B 146 -3.02 -12.28 1.53
C ILE B 146 -1.98 -13.42 1.64
N VAL B 147 -1.85 -14.08 2.81
CA VAL B 147 -1.06 -15.31 2.89
C VAL B 147 -1.58 -16.33 1.87
N ARG B 148 -2.90 -16.41 1.74
CA ARG B 148 -3.45 -17.35 0.70
C ARG B 148 -3.25 -16.78 -0.70
N ARG B 149 -3.55 -15.51 -0.91
CA ARG B 149 -3.50 -15.01 -2.30
C ARG B 149 -2.08 -15.08 -2.80
N GLN B 150 -1.07 -14.67 -2.05
CA GLN B 150 0.32 -14.68 -2.57
C GLN B 150 0.71 -16.10 -2.85
N PHE B 151 0.34 -17.08 -2.00
CA PHE B 151 0.75 -18.45 -2.32
C PHE B 151 0.14 -18.91 -3.67
N THR B 152 -1.15 -18.58 -3.89
CA THR B 152 -1.78 -19.06 -5.17
C THR B 152 -1.12 -18.36 -6.38
N GLU B 153 -0.54 -17.19 -6.23
CA GLU B 153 0.15 -16.44 -7.31
C GLU B 153 1.59 -16.89 -7.48
N GLY B 154 2.11 -17.81 -6.69
CA GLY B 154 3.48 -18.25 -6.79
C GLY B 154 4.48 -17.52 -5.94
N SER B 155 3.97 -16.58 -5.09
CA SER B 155 4.79 -15.92 -4.12
C SER B 155 4.50 -16.52 -2.73
N GLY B 156 4.84 -15.72 -1.71
CA GLY B 156 4.54 -16.23 -0.30
C GLY B 156 4.87 -15.15 0.65
N VAL B 157 4.02 -15.11 1.65
CA VAL B 157 4.25 -14.14 2.79
C VAL B 157 5.39 -14.63 3.67
N PRO B 158 6.35 -13.79 4.06
CA PRO B 158 7.47 -14.27 4.85
C PRO B 158 6.98 -14.69 6.24
N ASP B 159 7.71 -15.64 6.87
CA ASP B 159 7.27 -16.10 8.21
C ASP B 159 8.40 -15.95 9.23
N LEU B 160 7.98 -15.76 10.49
CA LEU B 160 8.87 -15.98 11.66
C LEU B 160 8.64 -17.40 12.11
N ALA B 161 9.69 -18.07 12.44
CA ALA B 161 9.60 -19.47 12.95
C ALA B 161 10.21 -19.47 14.34
N CYS B 162 9.49 -20.13 15.29
CA CYS B 162 9.91 -20.18 16.67
C CYS B 162 9.68 -21.54 17.30
N VAL B 163 10.50 -21.86 18.28
CA VAL B 163 10.36 -23.13 19.04
C VAL B 163 10.44 -22.75 20.53
N GLN B 164 9.37 -23.01 21.25
CA GLN B 164 9.39 -22.75 22.71
C GLN B 164 9.75 -24.02 23.41
N GLN B 165 9.40 -25.17 22.89
CA GLN B 165 9.68 -26.45 23.57
C GLN B 165 9.87 -27.47 22.48
N ASP B 166 10.94 -28.29 22.63
CA ASP B 166 11.38 -29.28 21.61
C ASP B 166 11.39 -30.64 22.31
N ALA B 167 10.27 -31.32 22.43
CA ALA B 167 10.18 -32.67 22.99
C ALA B 167 10.70 -33.77 22.01
N THR B 168 10.47 -33.56 20.68
CA THR B 168 10.89 -34.56 19.73
C THR B 168 12.39 -34.47 19.30
N GLY B 169 13.00 -33.32 19.58
CA GLY B 169 14.33 -33.06 19.18
C GLY B 169 14.42 -32.63 17.72
N ASN B 170 13.26 -32.64 16.98
CA ASN B 170 13.25 -32.13 15.61
C ASN B 170 12.21 -31.01 15.43
N ALA B 171 11.88 -30.33 16.50
CA ALA B 171 10.87 -29.19 16.36
C ALA B 171 11.35 -28.14 15.36
N TRP B 172 12.62 -27.86 15.24
CA TRP B 172 13.06 -26.88 14.23
C TRP B 172 12.78 -27.39 12.86
N ASP B 173 13.03 -28.66 12.56
CA ASP B 173 12.81 -29.23 11.25
C ASP B 173 11.33 -29.12 10.96
N ILE B 174 10.47 -29.41 11.92
CA ILE B 174 9.03 -29.37 11.70
C ILE B 174 8.53 -27.92 11.41
N VAL B 175 8.99 -26.96 12.25
CA VAL B 175 8.45 -25.61 11.97
C VAL B 175 8.97 -25.04 10.71
N LEU B 176 10.20 -25.30 10.34
CA LEU B 176 10.70 -24.75 9.05
C LEU B 176 9.98 -25.45 7.93
N SER B 177 9.72 -26.71 8.00
CA SER B 177 8.98 -27.37 6.94
C SER B 177 7.54 -26.82 6.81
N TYR B 178 6.88 -26.57 7.98
CA TYR B 178 5.56 -26.01 7.99
C TYR B 178 5.59 -24.61 7.29
N CYS B 179 6.59 -23.81 7.65
CA CYS B 179 6.72 -22.46 6.93
C CYS B 179 6.86 -22.69 5.45
N TRP B 180 7.66 -23.66 4.99
CA TRP B 180 7.65 -23.99 3.57
C TRP B 180 6.29 -24.22 3.06
N GLY B 181 5.47 -24.99 3.78
CA GLY B 181 4.17 -25.40 3.35
C GLY B 181 3.15 -24.27 3.22
N VAL B 182 3.40 -23.14 3.89
CA VAL B 182 2.51 -21.99 3.78
C VAL B 182 3.10 -20.90 2.93
N GLY B 183 4.24 -21.13 2.31
CA GLY B 183 4.78 -20.17 1.29
C GLY B 183 5.89 -19.35 1.81
N GLY B 184 6.33 -19.52 3.06
CA GLY B 184 7.33 -18.62 3.61
C GLY B 184 8.72 -18.68 3.00
N ALA B 185 9.08 -19.87 2.49
CA ALA B 185 10.42 -19.99 1.95
C ALA B 185 10.57 -19.20 0.66
N ARG B 186 9.48 -18.82 -0.02
CA ARG B 186 9.56 -18.03 -1.24
C ARG B 186 10.05 -16.65 -0.97
N SER B 187 9.82 -16.06 0.21
CA SER B 187 10.23 -14.74 0.49
CA SER B 187 10.21 -14.70 0.49
C SER B 187 11.24 -14.61 1.65
N GLY B 188 11.12 -15.48 2.64
CA GLY B 188 12.14 -15.65 3.71
C GLY B 188 11.49 -16.07 4.97
N ILE B 189 12.21 -16.94 5.67
CA ILE B 189 11.86 -17.41 7.06
C ILE B 189 12.94 -16.88 8.01
N ILE B 190 12.57 -16.18 9.09
CA ILE B 190 13.53 -15.81 10.12
C ILE B 190 13.23 -16.54 11.41
N LYS B 191 14.29 -17.15 12.01
CA LYS B 191 14.07 -17.73 13.31
C LYS B 191 14.03 -16.70 14.37
N ALA B 192 13.07 -16.84 15.26
CA ALA B 192 12.88 -15.92 16.34
C ALA B 192 12.40 -16.59 17.57
N THR B 193 12.35 -15.89 18.68
CA THR B 193 11.72 -16.48 19.87
C THR B 193 10.25 -16.05 20.01
N PHE B 194 9.49 -16.77 20.85
CA PHE B 194 8.09 -16.41 21.04
C PHE B 194 7.94 -14.99 21.58
N ALA B 195 8.84 -14.56 22.43
CA ALA B 195 8.77 -13.18 22.97
C ALA B 195 9.08 -12.20 21.89
N GLU B 196 10.11 -12.43 21.09
N GLU B 196 10.11 -12.43 21.05
CA GLU B 196 10.41 -11.47 20.12
CA GLU B 196 10.48 -11.50 19.98
C GLU B 196 9.27 -11.37 19.10
C GLU B 196 9.42 -11.37 18.87
N GLU B 197 8.76 -12.48 18.55
CA GLU B 197 7.66 -12.36 17.62
C GLU B 197 6.51 -11.61 18.20
N THR B 198 6.12 -11.92 19.45
CA THR B 198 4.91 -11.34 20.01
C THR B 198 5.08 -9.83 20.06
N GLU B 199 6.27 -9.38 20.47
CA GLU B 199 6.47 -7.92 20.70
C GLU B 199 6.57 -7.19 19.37
N GLU B 200 7.28 -7.72 18.45
CA GLU B 200 7.45 -7.01 17.17
C GLU B 200 6.16 -7.00 16.40
N ASP B 201 5.38 -8.08 16.51
CA ASP B 201 4.12 -8.16 15.77
C ASP B 201 3.09 -7.15 16.34
N LEU B 202 2.99 -7.04 17.67
CA LEU B 202 2.09 -6.11 18.25
C LEU B 202 2.56 -4.68 17.90
N PHE B 203 3.88 -4.44 17.90
CA PHE B 203 4.32 -3.11 17.59
C PHE B 203 4.01 -2.72 16.19
N GLY B 204 4.29 -3.63 15.22
CA GLY B 204 4.06 -3.23 13.86
C GLY B 204 2.64 -2.96 13.52
N GLU B 205 1.71 -3.77 14.04
CA GLU B 205 0.31 -3.50 13.70
C GLU B 205 -0.14 -2.20 14.40
N GLN B 206 0.31 -1.91 15.59
CA GLN B 206 -0.19 -0.74 16.28
C GLN B 206 0.47 0.52 15.67
N ALA B 207 1.76 0.59 15.63
CA ALA B 207 2.47 1.84 15.30
C ALA B 207 2.44 2.17 13.84
N VAL B 208 2.43 1.14 12.93
CA VAL B 208 2.74 1.40 11.45
C VAL B 208 1.62 0.84 10.67
N LEU B 209 1.40 -0.44 10.61
CA LEU B 209 0.60 -1.03 9.61
C LEU B 209 -0.82 -0.80 9.66
N CYS B 210 -1.40 -0.75 10.85
CA CYS B 210 -2.86 -0.61 10.96
C CYS B 210 -3.11 0.64 11.72
N GLY B 211 -2.62 0.87 12.94
CA GLY B 211 -2.90 2.11 13.63
C GLY B 211 -2.37 3.35 12.92
N GLY B 212 -1.06 3.30 12.70
CA GLY B 212 -0.47 4.50 12.03
C GLY B 212 -1.04 4.78 10.64
N LEU B 213 -1.08 3.75 9.79
CA LEU B 213 -1.54 3.93 8.45
C LEU B 213 -2.97 4.37 8.36
N VAL B 214 -3.91 3.80 9.07
CA VAL B 214 -5.29 4.18 8.92
C VAL B 214 -5.46 5.62 9.53
N GLU B 215 -4.84 5.96 10.66
CA GLU B 215 -5.04 7.29 11.12
C GLU B 215 -4.38 8.32 10.20
N LEU B 216 -3.27 7.98 9.54
CA LEU B 216 -2.64 8.92 8.59
C LEU B 216 -3.62 9.20 7.45
N VAL B 217 -4.21 8.18 6.85
CA VAL B 217 -5.06 8.40 5.72
C VAL B 217 -6.31 9.10 6.20
N LYS B 218 -6.91 8.71 7.35
CA LYS B 218 -8.04 9.50 7.89
C LYS B 218 -7.72 10.94 8.11
N ALA B 219 -6.59 11.23 8.68
CA ALA B 219 -6.27 12.64 9.03
C ALA B 219 -6.06 13.39 7.73
N GLY B 220 -5.47 12.83 6.72
CA GLY B 220 -5.31 13.61 5.44
C GLY B 220 -6.64 13.84 4.81
N PHE B 221 -7.52 12.83 4.80
CA PHE B 221 -8.81 12.95 4.20
C PHE B 221 -9.64 14.02 4.91
N GLU B 222 -9.61 14.00 6.24
CA GLU B 222 -10.36 15.00 7.02
C GLU B 222 -9.79 16.35 6.88
N THR B 223 -8.47 16.51 6.68
CA THR B 223 -7.89 17.85 6.46
C THR B 223 -8.46 18.37 5.20
N LEU B 224 -8.47 17.58 4.13
CA LEU B 224 -8.95 18.12 2.86
C LEU B 224 -10.47 18.39 2.92
N THR B 225 -11.27 17.50 3.51
CA THR B 225 -12.71 17.75 3.51
C THR B 225 -12.96 18.95 4.44
N GLU B 226 -12.29 19.07 5.55
CA GLU B 226 -12.55 20.34 6.35
C GLU B 226 -12.24 21.55 5.62
N ALA B 227 -11.25 21.52 4.76
CA ALA B 227 -10.84 22.69 3.98
C ALA B 227 -11.72 22.90 2.76
N GLY B 228 -12.79 22.14 2.59
CA GLY B 228 -13.75 22.32 1.55
C GLY B 228 -13.65 21.53 0.29
N TYR B 229 -12.65 20.60 0.21
CA TYR B 229 -12.53 19.78 -0.93
C TYR B 229 -13.54 18.65 -0.87
N PRO B 230 -14.02 18.19 -2.04
CA PRO B 230 -15.07 17.22 -2.08
C PRO B 230 -14.55 15.81 -1.56
N PRO B 231 -15.34 15.04 -0.85
CA PRO B 231 -14.88 13.75 -0.30
C PRO B 231 -14.45 12.81 -1.37
N GLU B 232 -15.06 12.77 -2.52
CA GLU B 232 -14.59 11.81 -3.56
C GLU B 232 -13.20 12.16 -4.03
N LEU B 233 -12.88 13.46 -4.15
CA LEU B 233 -11.53 13.85 -4.55
C LEU B 233 -10.61 13.46 -3.37
N ALA B 234 -10.98 13.69 -2.11
CA ALA B 234 -10.07 13.43 -1.01
C ALA B 234 -9.84 11.89 -0.96
N TYR B 235 -10.81 11.06 -1.31
CA TYR B 235 -10.64 9.61 -1.34
C TYR B 235 -9.60 9.25 -2.38
N PHE B 236 -9.70 9.79 -3.62
CA PHE B 236 -8.75 9.37 -4.65
C PHE B 236 -7.37 9.84 -4.33
N GLU B 237 -7.20 10.98 -3.67
CA GLU B 237 -5.90 11.53 -3.33
C GLU B 237 -5.28 10.88 -2.16
N CYS B 238 -5.98 10.69 -1.07
CA CYS B 238 -5.31 10.20 0.20
C CYS B 238 -5.41 8.72 0.38
N TYR B 239 -6.38 8.09 -0.20
CA TYR B 239 -6.63 6.69 0.11
C TYR B 239 -6.36 5.82 -1.10
N HIS B 240 -7.03 6.05 -2.23
CA HIS B 240 -6.88 5.13 -3.35
C HIS B 240 -5.44 5.12 -3.91
N GLU B 241 -4.81 6.31 -3.95
CA GLU B 241 -3.44 6.38 -4.49
C GLU B 241 -2.41 5.70 -3.59
N MET B 242 -2.75 5.48 -2.32
CA MET B 242 -1.75 4.85 -1.42
CA MET B 242 -1.70 4.95 -1.46
C MET B 242 -1.27 3.53 -1.91
N LYS B 243 -2.18 2.71 -2.47
CA LYS B 243 -1.79 1.37 -2.92
C LYS B 243 -0.74 1.48 -3.97
N MET B 244 -0.88 2.47 -4.79
CA MET B 244 0.00 2.62 -5.94
C MET B 244 1.43 3.00 -5.53
N ILE B 245 1.53 3.94 -4.59
CA ILE B 245 2.82 4.30 -4.01
C ILE B 245 3.44 3.14 -3.28
N VAL B 246 2.63 2.42 -2.48
CA VAL B 246 3.22 1.32 -1.74
C VAL B 246 3.63 0.19 -2.70
N ASP B 247 2.90 -0.03 -3.73
CA ASP B 247 3.32 -1.09 -4.66
C ASP B 247 4.75 -0.84 -5.17
N LEU B 248 5.04 0.41 -5.60
CA LEU B 248 6.39 0.69 -6.02
C LEU B 248 7.39 0.44 -4.96
N MET B 249 7.12 0.89 -3.73
CA MET B 249 8.08 0.63 -2.64
C MET B 249 8.30 -0.85 -2.41
N TYR B 250 7.21 -1.63 -2.43
CA TYR B 250 7.28 -3.11 -2.18
C TYR B 250 8.11 -3.81 -3.20
N GLU B 251 7.97 -3.36 -4.43
CA GLU B 251 8.60 -4.16 -5.54
C GLU B 251 10.03 -3.67 -5.69
N SER B 252 10.34 -2.34 -5.49
CA SER B 252 11.57 -1.78 -5.99
C SER B 252 12.26 -0.81 -5.13
N GLY B 253 11.78 -0.60 -3.90
CA GLY B 253 12.44 0.29 -2.89
C GLY B 253 11.93 1.73 -2.94
N ILE B 254 12.19 2.43 -1.86
CA ILE B 254 11.88 3.84 -1.82
C ILE B 254 12.63 4.54 -2.89
N HIS B 255 13.84 4.16 -3.21
CA HIS B 255 14.55 4.94 -4.29
C HIS B 255 13.82 4.86 -5.59
N PHE B 256 13.19 3.75 -5.93
CA PHE B 256 12.47 3.66 -7.20
C PHE B 256 11.15 4.41 -7.11
N MET B 257 10.45 4.32 -5.97
CA MET B 257 9.19 5.07 -5.89
C MET B 257 9.51 6.57 -6.06
N ASN B 258 10.58 7.04 -5.41
CA ASN B 258 10.97 8.48 -5.53
C ASN B 258 11.47 8.81 -6.86
N TYR B 259 11.95 7.87 -7.66
CA TYR B 259 12.27 8.16 -9.06
C TYR B 259 10.98 8.21 -9.90
N SER B 260 9.98 7.45 -9.58
CA SER B 260 8.78 7.53 -10.33
C SER B 260 7.94 8.76 -10.11
N ILE B 261 7.81 9.22 -8.88
CA ILE B 261 7.08 10.46 -8.60
C ILE B 261 7.87 11.69 -9.08
N SER B 262 7.11 12.75 -9.27
CA SER B 262 7.74 13.99 -9.74
C SER B 262 8.79 14.54 -8.75
N ASN B 263 9.64 15.43 -9.26
CA ASN B 263 10.55 16.14 -8.32
C ASN B 263 9.79 16.97 -7.39
N THR B 264 8.67 17.55 -7.80
CA THR B 264 7.82 18.32 -6.89
C THR B 264 7.36 17.49 -5.74
N ALA B 265 6.93 16.25 -6.00
CA ALA B 265 6.41 15.37 -4.93
C ALA B 265 7.59 14.95 -4.07
N GLU B 266 8.75 14.60 -4.68
CA GLU B 266 9.84 14.11 -3.88
C GLU B 266 10.37 15.18 -2.98
N TYR B 267 10.53 16.40 -3.46
CA TYR B 267 10.87 17.49 -2.50
C TYR B 267 9.87 17.61 -1.40
N GLY B 268 8.57 17.57 -1.77
CA GLY B 268 7.45 17.63 -0.79
C GLY B 268 7.59 16.49 0.21
N GLU B 269 7.93 15.29 -0.21
CA GLU B 269 8.08 14.21 0.74
C GLU B 269 9.12 14.51 1.78
N TYR B 270 10.27 14.99 1.36
CA TYR B 270 11.36 15.11 2.31
C TYR B 270 11.08 16.31 3.24
N TYR B 271 10.38 17.33 2.79
CA TYR B 271 10.06 18.51 3.64
C TYR B 271 8.94 18.16 4.56
N ALA B 272 7.92 17.42 4.20
CA ALA B 272 6.74 17.30 5.01
C ALA B 272 6.82 16.13 5.90
N GLY B 273 7.47 15.03 5.52
CA GLY B 273 7.42 13.79 6.32
C GLY B 273 7.69 14.05 7.80
N PRO B 274 8.79 14.65 8.17
CA PRO B 274 9.13 14.86 9.61
C PRO B 274 8.22 15.80 10.31
N LYS B 275 7.39 16.56 9.61
CA LYS B 275 6.43 17.49 10.27
C LYS B 275 5.17 16.65 10.64
N VAL B 276 4.70 15.70 9.78
CA VAL B 276 3.52 14.93 10.09
C VAL B 276 3.89 13.77 11.05
N ILE B 277 4.98 13.03 10.78
CA ILE B 277 5.53 12.01 11.73
C ILE B 277 6.61 12.67 12.48
N ASN B 278 6.20 13.30 13.58
CA ASN B 278 7.05 14.27 14.29
C ASN B 278 7.68 13.65 15.54
N GLU B 279 8.22 14.55 16.38
N GLU B 279 8.59 14.35 16.23
CA GLU B 279 8.97 14.02 17.49
CA GLU B 279 9.10 13.79 17.51
C GLU B 279 8.06 13.39 18.49
C GLU B 279 7.99 13.35 18.55
N GLN B 280 6.85 13.98 18.60
CA GLN B 280 5.80 13.38 19.40
C GLN B 280 5.35 12.03 18.84
N SER B 281 5.24 11.89 17.55
CA SER B 281 4.88 10.60 16.97
C SER B 281 5.91 9.54 17.33
N ARG B 282 7.22 9.88 17.26
CA ARG B 282 8.28 8.99 17.61
C ARG B 282 8.25 8.65 19.09
N GLU B 283 8.00 9.65 19.95
CA GLU B 283 7.89 9.31 21.37
CA GLU B 283 7.82 9.39 21.39
C GLU B 283 6.66 8.40 21.61
N ALA B 284 5.56 8.60 20.86
CA ALA B 284 4.39 7.69 21.00
C ALA B 284 4.76 6.33 20.57
N MET B 285 5.58 6.15 19.58
CA MET B 285 6.03 4.79 19.18
C MET B 285 6.80 4.13 20.26
N LYS B 286 7.67 4.88 20.95
CA LYS B 286 8.48 4.27 22.01
C LYS B 286 7.50 3.91 23.20
N GLU B 287 6.46 4.71 23.45
CA GLU B 287 5.52 4.34 24.49
C GLU B 287 4.72 3.10 24.12
N ILE B 288 4.33 3.01 22.83
CA ILE B 288 3.61 1.82 22.35
C ILE B 288 4.46 0.59 22.60
N LEU B 289 5.77 0.66 22.27
CA LEU B 289 6.63 -0.47 22.48
C LEU B 289 6.79 -0.77 23.96
N LYS B 290 6.87 0.26 24.82
CA LYS B 290 7.08 0.00 26.25
C LYS B 290 5.84 -0.72 26.84
N ARG B 291 4.62 -0.36 26.39
CA ARG B 291 3.43 -1.03 26.93
C ARG B 291 3.28 -2.42 26.34
N ILE B 292 3.83 -2.70 25.20
CA ILE B 292 3.89 -4.03 24.73
C ILE B 292 4.88 -4.87 25.57
N GLN B 293 6.09 -4.36 25.74
CA GLN B 293 7.13 -5.14 26.43
C GLN B 293 6.68 -5.30 27.90
N ASP B 294 6.02 -4.38 28.53
CA ASP B 294 5.73 -4.57 30.00
C ASP B 294 4.42 -5.35 30.24
N GLY B 295 3.72 -5.79 29.14
CA GLY B 295 2.45 -6.57 29.29
C GLY B 295 1.22 -5.73 29.55
N SER B 296 1.31 -4.42 29.64
CA SER B 296 0.16 -3.64 29.93
C SER B 296 -0.84 -3.57 28.75
N PHE B 297 -0.30 -3.50 27.50
CA PHE B 297 -1.25 -3.50 26.40
C PHE B 297 -1.96 -4.91 26.40
N ALA B 298 -1.28 -6.01 26.59
CA ALA B 298 -1.91 -7.34 26.55
C ALA B 298 -3.06 -7.37 27.61
N GLN B 299 -2.83 -6.82 28.78
CA GLN B 299 -3.87 -6.87 29.79
C GLN B 299 -5.00 -5.97 29.45
N GLU B 300 -4.76 -4.79 28.89
CA GLU B 300 -5.80 -3.92 28.44
C GLU B 300 -6.71 -4.63 27.38
N PHE B 301 -6.08 -5.27 26.40
CA PHE B 301 -6.81 -5.97 25.36
C PHE B 301 -7.64 -7.12 26.01
N VAL B 302 -7.03 -7.95 26.84
CA VAL B 302 -7.81 -9.07 27.41
C VAL B 302 -8.90 -8.49 28.34
N ASP B 303 -8.68 -7.38 29.05
CA ASP B 303 -9.78 -6.84 29.81
C ASP B 303 -10.92 -6.39 28.94
N ASP B 304 -10.66 -5.77 27.73
CA ASP B 304 -11.74 -5.43 26.88
C ASP B 304 -12.51 -6.67 26.39
N CYS B 305 -11.75 -7.71 26.03
CA CYS B 305 -12.37 -8.97 25.64
C CYS B 305 -13.22 -9.57 26.73
N ASN B 306 -12.89 -9.40 27.96
CA ASN B 306 -13.68 -9.95 29.07
C ASN B 306 -14.79 -8.94 29.39
N ASN B 307 -14.93 -7.83 28.73
CA ASN B 307 -16.06 -6.95 28.82
C ASN B 307 -16.80 -6.87 27.50
N GLY B 308 -16.98 -8.01 26.84
CA GLY B 308 -17.80 -8.05 25.69
C GLY B 308 -17.26 -7.30 24.46
N HIS B 309 -15.94 -7.17 24.42
CA HIS B 309 -15.34 -6.34 23.36
C HIS B 309 -15.96 -4.94 23.25
N LYS B 310 -16.28 -4.32 24.41
CA LYS B 310 -17.05 -3.19 24.35
C LYS B 310 -16.31 -2.02 23.58
N ARG B 311 -15.04 -1.79 23.90
CA ARG B 311 -14.25 -0.70 23.25
C ARG B 311 -13.93 -1.03 21.78
N LEU B 312 -13.56 -2.27 21.53
CA LEU B 312 -13.25 -2.66 20.15
C LEU B 312 -14.48 -2.38 19.28
N LEU B 313 -15.67 -2.78 19.70
CA LEU B 313 -16.84 -2.66 18.82
C LEU B 313 -17.36 -1.23 18.75
N GLU B 314 -17.21 -0.43 19.82
N GLU B 314 -17.24 -0.44 19.82
CA GLU B 314 -17.61 0.97 19.62
CA GLU B 314 -16.87 0.63 20.35
CA GLU B 314 -17.62 0.98 19.74
C GLU B 314 -16.62 1.61 18.62
C GLU B 314 -16.83 1.68 18.62
N GLN B 315 -15.32 1.28 18.67
N GLN B 315 -15.59 1.42 18.54
CA GLN B 315 -14.39 1.92 17.76
CA GLN B 315 -14.64 2.04 17.61
C GLN B 315 -14.62 1.34 16.33
C GLN B 315 -14.73 1.36 16.23
N ARG B 316 -15.01 0.06 16.15
CA ARG B 316 -15.31 -0.50 14.87
C ARG B 316 -16.54 0.20 14.23
N GLU B 317 -17.61 0.40 15.06
CA GLU B 317 -18.73 1.11 14.53
C GLU B 317 -18.32 2.52 14.05
N ALA B 318 -17.53 3.24 14.83
CA ALA B 318 -17.15 4.61 14.42
C ALA B 318 -16.35 4.63 13.12
N ILE B 319 -15.45 3.70 12.90
CA ILE B 319 -14.74 3.81 11.61
C ILE B 319 -15.54 3.27 10.49
N ASN B 320 -16.41 2.32 10.70
CA ASN B 320 -17.18 1.71 9.59
C ASN B 320 -18.18 2.73 9.07
N THR B 321 -18.57 3.67 9.88
CA THR B 321 -19.53 4.71 9.45
C THR B 321 -18.89 6.08 9.22
N HIS B 322 -17.58 6.11 9.19
CA HIS B 322 -16.84 7.37 8.84
C HIS B 322 -17.07 7.72 7.35
N PRO B 323 -17.17 9.03 7.01
CA PRO B 323 -17.28 9.38 5.64
C PRO B 323 -16.21 8.80 4.66
N ILE B 324 -15.04 8.45 5.12
CA ILE B 324 -14.08 7.83 4.24
C ILE B 324 -14.56 6.47 3.78
N GLU B 325 -15.30 5.76 4.67
CA GLU B 325 -15.79 4.48 4.30
C GLU B 325 -17.05 4.55 3.47
N THR B 326 -17.93 5.49 3.74
CA THR B 326 -19.16 5.59 2.93
C THR B 326 -18.77 6.07 1.55
N THR B 327 -17.85 7.03 1.47
CA THR B 327 -17.40 7.49 0.14
C THR B 327 -16.69 6.45 -0.60
N GLY B 328 -15.79 5.72 0.07
CA GLY B 328 -15.10 4.62 -0.63
C GLY B 328 -15.97 3.53 -1.10
N ALA B 329 -16.96 3.12 -0.27
CA ALA B 329 -17.78 1.98 -0.77
C ALA B 329 -18.49 2.46 -2.08
N GLN B 330 -19.00 3.70 -2.12
CA GLN B 330 -19.72 4.06 -3.32
CA GLN B 330 -19.71 4.21 -3.31
C GLN B 330 -18.76 4.18 -4.52
N ILE B 331 -17.56 4.80 -4.35
CA ILE B 331 -16.58 4.83 -5.43
C ILE B 331 -16.18 3.50 -5.94
N ARG B 332 -15.87 2.53 -5.03
CA ARG B 332 -15.36 1.27 -5.50
C ARG B 332 -16.44 0.52 -6.26
N SER B 333 -17.70 0.76 -5.85
CA SER B 333 -18.80 -0.03 -6.59
C SER B 333 -18.92 0.36 -8.04
N MET B 334 -18.32 1.47 -8.45
CA MET B 334 -18.50 1.93 -9.88
C MET B 334 -17.31 1.67 -10.68
N PHE B 335 -16.27 1.01 -10.16
CA PHE B 335 -15.11 0.65 -11.01
C PHE B 335 -15.52 -0.28 -12.14
N SER B 336 -15.00 -0.09 -13.33
CA SER B 336 -15.53 -0.82 -14.57
C SER B 336 -15.09 -2.25 -14.65
N TRP B 337 -13.87 -2.59 -14.21
CA TRP B 337 -13.33 -3.97 -14.21
C TRP B 337 -13.89 -4.84 -13.09
#